data_7PC1
# 
_entry.id   7PC1 
# 
_audit_conform.dict_name       mmcif_pdbx.dic 
_audit_conform.dict_version    5.398 
_audit_conform.dict_location   http://mmcif.pdb.org/dictionaries/ascii/mmcif_pdbx.dic 
# 
loop_
_database_2.database_id 
_database_2.database_code 
_database_2.pdbx_database_accession 
_database_2.pdbx_DOI 
PDB   7PC1         pdb_00007pc1 10.2210/pdb7pc1/pdb 
WWPDB D_1292116034 ?            ?                   
# 
loop_
_pdbx_audit_revision_history.ordinal 
_pdbx_audit_revision_history.data_content_type 
_pdbx_audit_revision_history.major_revision 
_pdbx_audit_revision_history.minor_revision 
_pdbx_audit_revision_history.revision_date 
1 'Structure model' 1 0 2022-08-10 
2 'Structure model' 1 1 2024-11-13 
# 
_pdbx_audit_revision_details.ordinal             1 
_pdbx_audit_revision_details.revision_ordinal    1 
_pdbx_audit_revision_details.data_content_type   'Structure model' 
_pdbx_audit_revision_details.provider            repository 
_pdbx_audit_revision_details.type                'Initial release' 
_pdbx_audit_revision_details.description         ? 
_pdbx_audit_revision_details.details             ? 
# 
loop_
_pdbx_audit_revision_group.ordinal 
_pdbx_audit_revision_group.revision_ordinal 
_pdbx_audit_revision_group.data_content_type 
_pdbx_audit_revision_group.group 
1 2 'Structure model' 'Data collection'   
2 2 'Structure model' 'Structure summary' 
# 
loop_
_pdbx_audit_revision_category.ordinal 
_pdbx_audit_revision_category.revision_ordinal 
_pdbx_audit_revision_category.data_content_type 
_pdbx_audit_revision_category.category 
1 2 'Structure model' chem_comp_atom            
2 2 'Structure model' chem_comp_bond            
3 2 'Structure model' pdbx_entry_details        
4 2 'Structure model' pdbx_modification_feature 
# 
_pdbx_audit_revision_item.ordinal             1 
_pdbx_audit_revision_item.revision_ordinal    2 
_pdbx_audit_revision_item.data_content_type   'Structure model' 
_pdbx_audit_revision_item.item                '_pdbx_entry_details.has_protein_modification' 
# 
_pdbx_database_status.status_code                     REL 
_pdbx_database_status.status_code_sf                  REL 
_pdbx_database_status.status_code_mr                  ? 
_pdbx_database_status.entry_id                        7PC1 
_pdbx_database_status.recvd_initial_deposition_date   2021-08-03 
_pdbx_database_status.SG_entry                        N 
_pdbx_database_status.deposit_site                    PDBE 
_pdbx_database_status.process_site                    PDBE 
_pdbx_database_status.status_code_cs                  ? 
_pdbx_database_status.status_code_nmr_data            ? 
_pdbx_database_status.methods_development_category    ? 
_pdbx_database_status.pdb_format_compatible           Y 
# 
loop_
_audit_author.name 
_audit_author.pdbx_ordinal 
_audit_author.identifier_ORCID 
'Guynet, C.'    1 0000-0003-1970-3411 
'Moncalian, G.' 2 0000-0002-3007-6490 
# 
_citation.abstract                  ? 
_citation.abstract_id_CAS           ? 
_citation.book_id_ISBN              ? 
_citation.book_publisher            ? 
_citation.book_publisher_city       ? 
_citation.book_title                ? 
_citation.coordinate_linkage        ? 
_citation.country                   UK 
_citation.database_id_Medline       ? 
_citation.details                   ? 
_citation.id                        primary 
_citation.journal_abbrev            J.Mol.Biol. 
_citation.journal_id_ASTM           JMOBAK 
_citation.journal_id_CSD            0070 
_citation.journal_id_ISSN           1089-8638 
_citation.journal_full              ? 
_citation.journal_issue             ? 
_citation.journal_volume            434 
_citation.language                  ? 
_citation.page_first                167752 
_citation.page_last                 167752 
_citation.title                     
'Characterization of the DNA Binding Domain of StbA, A Key Protein of A New Type of DNA Segregation System.' 
_citation.year                      2022 
_citation.database_id_CSD           ? 
_citation.pdbx_database_id_DOI      10.1016/j.jmb.2022.167752 
_citation.pdbx_database_id_PubMed   35868361 
_citation.pdbx_database_id_patent   ? 
_citation.unpublished_flag          ? 
# 
loop_
_citation_author.citation_id 
_citation_author.name 
_citation_author.ordinal 
_citation_author.identifier_ORCID 
primary 'Quebre, V.'     1  ? 
primary 'Del Campo, I.'  2  ? 
primary 'Cuevas, A.'     3  ? 
primary 'Siguier, P.'    4  ? 
primary 'Rech, J.'       5  ? 
primary 'Le, P.T.N.'     6  ? 
primary 'Ton-Hoang, B.'  7  ? 
primary 'Cornet, F.'     8  ? 
primary 'Bouet, J.Y.'    9  ? 
primary 'Moncalian, G.'  10 ? 
primary 'de la Cruz, F.' 11 ? 
primary 'Guynet, C.'     12 ? 
# 
loop_
_entity.id 
_entity.type 
_entity.src_method 
_entity.pdbx_description 
_entity.formula_weight 
_entity.pdbx_number_of_molecules 
_entity.pdbx_ec 
_entity.pdbx_mutation 
_entity.pdbx_fragment 
_entity.details 
1 polymer man StbA  8600.471 1  ? ? ? ? 
2 water   nat water 18.015   12 ? ? ? ? 
# 
_entity_poly.entity_id                      1 
_entity_poly.type                           'polypeptide(L)' 
_entity_poly.nstd_linkage                   no 
_entity_poly.nstd_monomer                   yes 
_entity_poly.pdbx_seq_one_letter_code       'NETDALKDRIENIRPR(MSE)TLAAKLREL(MSE)PEIDRQVRAGVQHDDIVETLNANGFDVNLNTFRSYLYRYRKKARA' 
_entity_poly.pdbx_seq_one_letter_code_can   NETDALKDRIENIRPRMTLAAKLRELMPEIDRQVRAGVQHDDIVETLNANGFDVNLNTFRSYLYRYRKKARA 
_entity_poly.pdbx_strand_id                 A 
_entity_poly.pdbx_target_identifier         ? 
# 
_pdbx_entity_nonpoly.entity_id   2 
_pdbx_entity_nonpoly.name        water 
_pdbx_entity_nonpoly.comp_id     HOH 
# 
loop_
_entity_poly_seq.entity_id 
_entity_poly_seq.num 
_entity_poly_seq.mon_id 
_entity_poly_seq.hetero 
1 1  ASN n 
1 2  GLU n 
1 3  THR n 
1 4  ASP n 
1 5  ALA n 
1 6  LEU n 
1 7  LYS n 
1 8  ASP n 
1 9  ARG n 
1 10 ILE n 
1 11 GLU n 
1 12 ASN n 
1 13 ILE n 
1 14 ARG n 
1 15 PRO n 
1 16 ARG n 
1 17 MSE n 
1 18 THR n 
1 19 LEU n 
1 20 ALA n 
1 21 ALA n 
1 22 LYS n 
1 23 LEU n 
1 24 ARG n 
1 25 GLU n 
1 26 LEU n 
1 27 MSE n 
1 28 PRO n 
1 29 GLU n 
1 30 ILE n 
1 31 ASP n 
1 32 ARG n 
1 33 GLN n 
1 34 VAL n 
1 35 ARG n 
1 36 ALA n 
1 37 GLY n 
1 38 VAL n 
1 39 GLN n 
1 40 HIS n 
1 41 ASP n 
1 42 ASP n 
1 43 ILE n 
1 44 VAL n 
1 45 GLU n 
1 46 THR n 
1 47 LEU n 
1 48 ASN n 
1 49 ALA n 
1 50 ASN n 
1 51 GLY n 
1 52 PHE n 
1 53 ASP n 
1 54 VAL n 
1 55 ASN n 
1 56 LEU n 
1 57 ASN n 
1 58 THR n 
1 59 PHE n 
1 60 ARG n 
1 61 SER n 
1 62 TYR n 
1 63 LEU n 
1 64 TYR n 
1 65 ARG n 
1 66 TYR n 
1 67 ARG n 
1 68 LYS n 
1 69 LYS n 
1 70 ALA n 
1 71 ARG n 
1 72 ALA n 
# 
_entity_src_gen.entity_id                          1 
_entity_src_gen.pdbx_src_id                        1 
_entity_src_gen.pdbx_alt_source_flag               sample 
_entity_src_gen.pdbx_seq_type                      'Biological sequence' 
_entity_src_gen.pdbx_beg_seq_num                   1 
_entity_src_gen.pdbx_end_seq_num                   72 
_entity_src_gen.gene_src_common_name               ? 
_entity_src_gen.gene_src_genus                     ? 
_entity_src_gen.pdbx_gene_src_gene                 ? 
_entity_src_gen.gene_src_species                   ? 
_entity_src_gen.gene_src_strain                    ? 
_entity_src_gen.gene_src_tissue                    ? 
_entity_src_gen.gene_src_tissue_fraction           ? 
_entity_src_gen.gene_src_details                   ? 
_entity_src_gen.pdbx_gene_src_fragment             ? 
_entity_src_gen.pdbx_gene_src_scientific_name      'Escherichia coli K-12' 
_entity_src_gen.pdbx_gene_src_ncbi_taxonomy_id     83333 
_entity_src_gen.pdbx_gene_src_variant              ? 
_entity_src_gen.pdbx_gene_src_cell_line            ? 
_entity_src_gen.pdbx_gene_src_atcc                 ? 
_entity_src_gen.pdbx_gene_src_organ                ? 
_entity_src_gen.pdbx_gene_src_organelle            ? 
_entity_src_gen.pdbx_gene_src_cell                 ? 
_entity_src_gen.pdbx_gene_src_cellular_location    ? 
_entity_src_gen.host_org_common_name               ? 
_entity_src_gen.pdbx_host_org_scientific_name      'Escherichia coli BL21(DE3)' 
_entity_src_gen.pdbx_host_org_ncbi_taxonomy_id     469008 
_entity_src_gen.host_org_genus                     ? 
_entity_src_gen.pdbx_host_org_gene                 ? 
_entity_src_gen.pdbx_host_org_organ                ? 
_entity_src_gen.host_org_species                   ? 
_entity_src_gen.pdbx_host_org_tissue               ? 
_entity_src_gen.pdbx_host_org_tissue_fraction      ? 
_entity_src_gen.pdbx_host_org_strain               ? 
_entity_src_gen.pdbx_host_org_variant              ? 
_entity_src_gen.pdbx_host_org_cell_line            ? 
_entity_src_gen.pdbx_host_org_atcc                 ? 
_entity_src_gen.pdbx_host_org_culture_collection   ? 
_entity_src_gen.pdbx_host_org_cell                 ? 
_entity_src_gen.pdbx_host_org_organelle            ? 
_entity_src_gen.pdbx_host_org_cellular_location    ? 
_entity_src_gen.pdbx_host_org_vector_type          ? 
_entity_src_gen.pdbx_host_org_vector               ? 
_entity_src_gen.host_org_details                   ? 
_entity_src_gen.expression_system_id               ? 
_entity_src_gen.plasmid_name                       ? 
_entity_src_gen.plasmid_details                    ? 
_entity_src_gen.pdbx_description                   ? 
# 
loop_
_chem_comp.id 
_chem_comp.type 
_chem_comp.mon_nstd_flag 
_chem_comp.name 
_chem_comp.pdbx_synonyms 
_chem_comp.formula 
_chem_comp.formula_weight 
ALA 'L-peptide linking' y ALANINE          ? 'C3 H7 N O2'     89.093  
ARG 'L-peptide linking' y ARGININE         ? 'C6 H15 N4 O2 1' 175.209 
ASN 'L-peptide linking' y ASPARAGINE       ? 'C4 H8 N2 O3'    132.118 
ASP 'L-peptide linking' y 'ASPARTIC ACID'  ? 'C4 H7 N O4'     133.103 
GLN 'L-peptide linking' y GLUTAMINE        ? 'C5 H10 N2 O3'   146.144 
GLU 'L-peptide linking' y 'GLUTAMIC ACID'  ? 'C5 H9 N O4'     147.129 
GLY 'peptide linking'   y GLYCINE          ? 'C2 H5 N O2'     75.067  
HIS 'L-peptide linking' y HISTIDINE        ? 'C6 H10 N3 O2 1' 156.162 
HOH non-polymer         . WATER            ? 'H2 O'           18.015  
ILE 'L-peptide linking' y ISOLEUCINE       ? 'C6 H13 N O2'    131.173 
LEU 'L-peptide linking' y LEUCINE          ? 'C6 H13 N O2'    131.173 
LYS 'L-peptide linking' y LYSINE           ? 'C6 H15 N2 O2 1' 147.195 
MSE 'L-peptide linking' n SELENOMETHIONINE ? 'C5 H11 N O2 Se' 196.106 
PHE 'L-peptide linking' y PHENYLALANINE    ? 'C9 H11 N O2'    165.189 
PRO 'L-peptide linking' y PROLINE          ? 'C5 H9 N O2'     115.130 
SER 'L-peptide linking' y SERINE           ? 'C3 H7 N O3'     105.093 
THR 'L-peptide linking' y THREONINE        ? 'C4 H9 N O3'     119.119 
TYR 'L-peptide linking' y TYROSINE         ? 'C9 H11 N O3'    181.189 
VAL 'L-peptide linking' y VALINE           ? 'C5 H11 N O2'    117.146 
# 
loop_
_pdbx_poly_seq_scheme.asym_id 
_pdbx_poly_seq_scheme.entity_id 
_pdbx_poly_seq_scheme.seq_id 
_pdbx_poly_seq_scheme.mon_id 
_pdbx_poly_seq_scheme.ndb_seq_num 
_pdbx_poly_seq_scheme.pdb_seq_num 
_pdbx_poly_seq_scheme.auth_seq_num 
_pdbx_poly_seq_scheme.pdb_mon_id 
_pdbx_poly_seq_scheme.auth_mon_id 
_pdbx_poly_seq_scheme.pdb_strand_id 
_pdbx_poly_seq_scheme.pdb_ins_code 
_pdbx_poly_seq_scheme.hetero 
A 1 1  ASN 1  2  2  ASN ASN A . n 
A 1 2  GLU 2  3  3  GLU GLU A . n 
A 1 3  THR 3  4  4  THR THR A . n 
A 1 4  ASP 4  5  5  ASP ASP A . n 
A 1 5  ALA 5  6  6  ALA ALA A . n 
A 1 6  LEU 6  7  7  LEU LEU A . n 
A 1 7  LYS 7  8  8  LYS LYS A . n 
A 1 8  ASP 8  9  9  ASP ASP A . n 
A 1 9  ARG 9  10 10 ARG ARG A . n 
A 1 10 ILE 10 11 11 ILE ILE A . n 
A 1 11 GLU 11 12 12 GLU GLU A . n 
A 1 12 ASN 12 13 13 ASN ASN A . n 
A 1 13 ILE 13 14 14 ILE ILE A . n 
A 1 14 ARG 14 15 15 ARG ARG A . n 
A 1 15 PRO 15 16 16 PRO PRO A . n 
A 1 16 ARG 16 17 17 ARG ARG A . n 
A 1 17 MSE 17 18 18 MSE MSE A . n 
A 1 18 THR 18 19 19 THR THR A . n 
A 1 19 LEU 19 20 20 LEU LEU A . n 
A 1 20 ALA 20 21 21 ALA ALA A . n 
A 1 21 ALA 21 22 22 ALA ALA A . n 
A 1 22 LYS 22 23 23 LYS LYS A . n 
A 1 23 LEU 23 24 24 LEU LEU A . n 
A 1 24 ARG 24 25 25 ARG ARG A . n 
A 1 25 GLU 25 26 26 GLU GLU A . n 
A 1 26 LEU 26 27 27 LEU LEU A . n 
A 1 27 MSE 27 28 28 MSE MSE A . n 
A 1 28 PRO 28 29 29 PRO PRO A . n 
A 1 29 GLU 29 30 30 GLU GLU A . n 
A 1 30 ILE 30 31 31 ILE ILE A . n 
A 1 31 ASP 31 32 32 ASP ASP A . n 
A 1 32 ARG 32 33 33 ARG ARG A . n 
A 1 33 GLN 33 34 34 GLN GLN A . n 
A 1 34 VAL 34 35 35 VAL VAL A . n 
A 1 35 ARG 35 36 36 ARG ARG A . n 
A 1 36 ALA 36 37 37 ALA ALA A . n 
A 1 37 GLY 37 38 38 GLY GLY A . n 
A 1 38 VAL 38 39 39 VAL VAL A . n 
A 1 39 GLN 39 40 40 GLN GLN A . n 
A 1 40 HIS 40 41 41 HIS HIS A . n 
A 1 41 ASP 41 42 42 ASP ASP A . n 
A 1 42 ASP 42 43 43 ASP ASP A . n 
A 1 43 ILE 43 44 44 ILE ILE A . n 
A 1 44 VAL 44 45 45 VAL VAL A . n 
A 1 45 GLU 45 46 46 GLU GLU A . n 
A 1 46 THR 46 47 47 THR THR A . n 
A 1 47 LEU 47 48 48 LEU LEU A . n 
A 1 48 ASN 48 49 49 ASN ASN A . n 
A 1 49 ALA 49 50 50 ALA ALA A . n 
A 1 50 ASN 50 51 51 ASN ASN A . n 
A 1 51 GLY 51 52 52 GLY GLY A . n 
A 1 52 PHE 52 53 53 PHE PHE A . n 
A 1 53 ASP 53 54 54 ASP ASP A . n 
A 1 54 VAL 54 55 55 VAL VAL A . n 
A 1 55 ASN 55 56 56 ASN ASN A . n 
A 1 56 LEU 56 57 57 LEU LEU A . n 
A 1 57 ASN 57 58 58 ASN ASN A . n 
A 1 58 THR 58 59 59 THR THR A . n 
A 1 59 PHE 59 60 60 PHE PHE A . n 
A 1 60 ARG 60 61 61 ARG ARG A . n 
A 1 61 SER 61 62 62 SER SER A . n 
A 1 62 TYR 62 63 63 TYR TYR A . n 
A 1 63 LEU 63 64 64 LEU LEU A . n 
A 1 64 TYR 64 65 65 TYR TYR A . n 
A 1 65 ARG 65 66 66 ARG ARG A . n 
A 1 66 TYR 66 67 67 TYR TYR A . n 
A 1 67 ARG 67 68 68 ARG ARG A . n 
A 1 68 LYS 68 69 69 LYS LYS A . n 
A 1 69 LYS 69 70 70 LYS LYS A . n 
A 1 70 ALA 70 71 71 ALA ALA A . n 
A 1 71 ARG 71 72 72 ARG ARG A . n 
A 1 72 ALA 72 73 73 ALA ALA A . n 
# 
loop_
_pdbx_nonpoly_scheme.asym_id 
_pdbx_nonpoly_scheme.entity_id 
_pdbx_nonpoly_scheme.mon_id 
_pdbx_nonpoly_scheme.ndb_seq_num 
_pdbx_nonpoly_scheme.pdb_seq_num 
_pdbx_nonpoly_scheme.auth_seq_num 
_pdbx_nonpoly_scheme.pdb_mon_id 
_pdbx_nonpoly_scheme.auth_mon_id 
_pdbx_nonpoly_scheme.pdb_strand_id 
_pdbx_nonpoly_scheme.pdb_ins_code 
B 2 HOH 1  101 9  HOH HOH A . 
B 2 HOH 2  102 8  HOH HOH A . 
B 2 HOH 3  103 4  HOH HOH A . 
B 2 HOH 4  104 1  HOH HOH A . 
B 2 HOH 5  105 2  HOH HOH A . 
B 2 HOH 6  106 12 HOH HOH A . 
B 2 HOH 7  107 5  HOH HOH A . 
B 2 HOH 8  108 7  HOH HOH A . 
B 2 HOH 9  109 6  HOH HOH A . 
B 2 HOH 10 110 3  HOH HOH A . 
B 2 HOH 11 111 10 HOH HOH A . 
B 2 HOH 12 112 11 HOH HOH A . 
# 
loop_
_software.citation_id 
_software.classification 
_software.compiler_name 
_software.compiler_version 
_software.contact_author 
_software.contact_author_email 
_software.date 
_software.description 
_software.dependencies 
_software.hardware 
_software.language 
_software.location 
_software.mods 
_software.name 
_software.os 
_software.os_version 
_software.type 
_software.version 
_software.pdbx_ordinal 
? 'data reduction' ? ? ? ? ? ? ? ? ? ? ? XDS    ? ? ? .         1 
? 'data scaling'   ? ? ? ? ? ? ? ? ? ? ? SCALA  ? ? ? 3.3.21    2 
? phasing          ? ? ? ? ? ? ? ? ? ? ? PHENIX ? ? ? 1.18_3855 3 
? refinement       ? ? ? ? ? ? ? ? ? ? ? PHENIX ? ? ? 1.18_3855 4 
# 
_cell.angle_alpha                  90.000 
_cell.angle_alpha_esd              ? 
_cell.angle_beta                   90.000 
_cell.angle_beta_esd               ? 
_cell.angle_gamma                  120.000 
_cell.angle_gamma_esd              ? 
_cell.entry_id                     7PC1 
_cell.details                      ? 
_cell.formula_units_Z              ? 
_cell.length_a                     45.623 
_cell.length_a_esd                 ? 
_cell.length_b                     45.623 
_cell.length_b_esd                 ? 
_cell.length_c                     34.393 
_cell.length_c_esd                 ? 
_cell.volume                       61996.671 
_cell.volume_esd                   ? 
_cell.Z_PDB                        3 
_cell.reciprocal_angle_alpha       ? 
_cell.reciprocal_angle_beta        ? 
_cell.reciprocal_angle_gamma       ? 
_cell.reciprocal_angle_alpha_esd   ? 
_cell.reciprocal_angle_beta_esd    ? 
_cell.reciprocal_angle_gamma_esd   ? 
_cell.reciprocal_length_a          ? 
_cell.reciprocal_length_b          ? 
_cell.reciprocal_length_c          ? 
_cell.reciprocal_length_a_esd      ? 
_cell.reciprocal_length_b_esd      ? 
_cell.reciprocal_length_c_esd      ? 
_cell.pdbx_unique_axis             ? 
# 
_symmetry.entry_id                         7PC1 
_symmetry.cell_setting                     ? 
_symmetry.Int_Tables_number                144 
_symmetry.space_group_name_Hall            'P 31' 
_symmetry.space_group_name_H-M             'P 31' 
_symmetry.pdbx_full_space_group_name_H-M   ? 
# 
_exptl.absorpt_coefficient_mu     ? 
_exptl.absorpt_correction_T_max   ? 
_exptl.absorpt_correction_T_min   ? 
_exptl.absorpt_correction_type    ? 
_exptl.absorpt_process_details    ? 
_exptl.entry_id                   7PC1 
_exptl.crystals_number            1 
_exptl.details                    ? 
_exptl.method                     'X-RAY DIFFRACTION' 
_exptl.method_details             ? 
# 
_exptl_crystal.colour                      ? 
_exptl_crystal.density_diffrn              ? 
_exptl_crystal.density_Matthews            2.40 
_exptl_crystal.density_method              ? 
_exptl_crystal.density_percent_sol         48.81 
_exptl_crystal.description                 ? 
_exptl_crystal.F_000                       ? 
_exptl_crystal.id                          1 
_exptl_crystal.preparation                 ? 
_exptl_crystal.size_max                    ? 
_exptl_crystal.size_mid                    ? 
_exptl_crystal.size_min                    ? 
_exptl_crystal.size_rad                    ? 
_exptl_crystal.colour_lustre               ? 
_exptl_crystal.colour_modifier             ? 
_exptl_crystal.colour_primary              ? 
_exptl_crystal.density_meas                ? 
_exptl_crystal.density_meas_esd            ? 
_exptl_crystal.density_meas_gt             ? 
_exptl_crystal.density_meas_lt             ? 
_exptl_crystal.density_meas_temp           ? 
_exptl_crystal.density_meas_temp_esd       ? 
_exptl_crystal.density_meas_temp_gt        ? 
_exptl_crystal.density_meas_temp_lt        ? 
_exptl_crystal.pdbx_crystal_image_url      ? 
_exptl_crystal.pdbx_crystal_image_format   ? 
_exptl_crystal.pdbx_mosaicity              ? 
_exptl_crystal.pdbx_mosaicity_esd          ? 
# 
_exptl_crystal_grow.apparatus       ? 
_exptl_crystal_grow.atmosphere      ? 
_exptl_crystal_grow.crystal_id      1 
_exptl_crystal_grow.details         ? 
_exptl_crystal_grow.method          'VAPOR DIFFUSION, SITTING DROP' 
_exptl_crystal_grow.method_ref      ? 
_exptl_crystal_grow.pH              ? 
_exptl_crystal_grow.pressure        ? 
_exptl_crystal_grow.pressure_esd    ? 
_exptl_crystal_grow.seeding         ? 
_exptl_crystal_grow.seeding_ref     ? 
_exptl_crystal_grow.temp            295 
_exptl_crystal_grow.temp_details    ? 
_exptl_crystal_grow.temp_esd        ? 
_exptl_crystal_grow.time            ? 
_exptl_crystal_grow.pdbx_details    '0.1 M Trisodium Citrate Dihydrate pH5.6, 10% (v/v) iso-propanol and 10% (v/v) PEG 4000' 
_exptl_crystal_grow.pdbx_pH_range   ? 
# 
_diffrn.ambient_environment              ? 
_diffrn.ambient_temp                     105 
_diffrn.ambient_temp_details             ? 
_diffrn.ambient_temp_esd                 ? 
_diffrn.crystal_id                       1 
_diffrn.crystal_support                  ? 
_diffrn.crystal_treatment                ? 
_diffrn.details                          ? 
_diffrn.id                               1 
_diffrn.ambient_pressure                 ? 
_diffrn.ambient_pressure_esd             ? 
_diffrn.ambient_pressure_gt              ? 
_diffrn.ambient_pressure_lt              ? 
_diffrn.ambient_temp_gt                  ? 
_diffrn.ambient_temp_lt                  ? 
_diffrn.pdbx_serial_crystal_experiment   N 
# 
_diffrn_detector.details                      ? 
_diffrn_detector.detector                     CCD 
_diffrn_detector.diffrn_id                    1 
_diffrn_detector.type                         'ADSC QUANTUM 315r' 
_diffrn_detector.area_resol_mean              ? 
_diffrn_detector.dtime                        ? 
_diffrn_detector.pdbx_frames_total            ? 
_diffrn_detector.pdbx_collection_time_total   ? 
_diffrn_detector.pdbx_collection_date         2009-05-22 
_diffrn_detector.pdbx_frequency               ? 
# 
_diffrn_radiation.collimation                      ? 
_diffrn_radiation.diffrn_id                        1 
_diffrn_radiation.filter_edge                      ? 
_diffrn_radiation.inhomogeneity                    ? 
_diffrn_radiation.monochromator                    ? 
_diffrn_radiation.polarisn_norm                    ? 
_diffrn_radiation.polarisn_ratio                   ? 
_diffrn_radiation.probe                            ? 
_diffrn_radiation.type                             ? 
_diffrn_radiation.xray_symbol                      ? 
_diffrn_radiation.wavelength_id                    1 
_diffrn_radiation.pdbx_monochromatic_or_laue_m_l   M 
_diffrn_radiation.pdbx_wavelength_list             ? 
_diffrn_radiation.pdbx_wavelength                  ? 
_diffrn_radiation.pdbx_diffrn_protocol             'SINGLE WAVELENGTH' 
_diffrn_radiation.pdbx_analyzer                    ? 
_diffrn_radiation.pdbx_scattering_type             x-ray 
# 
_diffrn_radiation_wavelength.id           1 
_diffrn_radiation_wavelength.wavelength   0.9793 
_diffrn_radiation_wavelength.wt           1.0 
# 
_diffrn_source.current                     ? 
_diffrn_source.details                     ? 
_diffrn_source.diffrn_id                   1 
_diffrn_source.power                       ? 
_diffrn_source.size                        ? 
_diffrn_source.source                      SYNCHROTRON 
_diffrn_source.target                      ? 
_diffrn_source.type                        'SOLEIL BEAMLINE PROXIMA 1' 
_diffrn_source.voltage                     ? 
_diffrn_source.take-off_angle              ? 
_diffrn_source.pdbx_wavelength_list        0.9793 
_diffrn_source.pdbx_wavelength             ? 
_diffrn_source.pdbx_synchrotron_beamline   'PROXIMA 1' 
_diffrn_source.pdbx_synchrotron_site       SOLEIL 
# 
_reflns.B_iso_Wilson_estimate                          32.05 
_reflns.entry_id                                       7PC1 
_reflns.data_reduction_details                         ? 
_reflns.data_reduction_method                          ? 
_reflns.d_resolution_high                              1.9 
_reflns.d_resolution_low                               34.4 
_reflns.details                                        ? 
_reflns.limit_h_max                                    ? 
_reflns.limit_h_min                                    ? 
_reflns.limit_k_max                                    ? 
_reflns.limit_k_min                                    ? 
_reflns.limit_l_max                                    ? 
_reflns.limit_l_min                                    ? 
_reflns.number_all                                     ? 
_reflns.number_obs                                     6294 
_reflns.observed_criterion                             ? 
_reflns.observed_criterion_F_max                       ? 
_reflns.observed_criterion_F_min                       ? 
_reflns.observed_criterion_I_max                       ? 
_reflns.observed_criterion_I_min                       ? 
_reflns.observed_criterion_sigma_F                     ? 
_reflns.observed_criterion_sigma_I                     ? 
_reflns.percent_possible_obs                           99.3 
_reflns.R_free_details                                 ? 
_reflns.Rmerge_F_all                                   ? 
_reflns.Rmerge_F_obs                                   ? 
_reflns.Friedel_coverage                               ? 
_reflns.number_gt                                      ? 
_reflns.threshold_expression                           ? 
_reflns.pdbx_redundancy                                5.7 
_reflns.pdbx_Rmerge_I_obs                              0.032 
_reflns.pdbx_Rmerge_I_all                              ? 
_reflns.pdbx_Rsym_value                                ? 
_reflns.pdbx_netI_over_av_sigmaI                       ? 
_reflns.pdbx_netI_over_sigmaI                          28.5 
_reflns.pdbx_res_netI_over_av_sigmaI_2                 ? 
_reflns.pdbx_res_netI_over_sigmaI_2                    ? 
_reflns.pdbx_chi_squared                               ? 
_reflns.pdbx_scaling_rejects                           ? 
_reflns.pdbx_d_res_high_opt                            ? 
_reflns.pdbx_d_res_low_opt                             ? 
_reflns.pdbx_d_res_opt_method                          ? 
_reflns.phase_calculation_details                      ? 
_reflns.pdbx_Rrim_I_all                                ? 
_reflns.pdbx_Rpim_I_all                                ? 
_reflns.pdbx_d_opt                                     ? 
_reflns.pdbx_number_measured_all                       ? 
_reflns.pdbx_diffrn_id                                 1 
_reflns.pdbx_ordinal                                   1 
_reflns.pdbx_CC_half                                   0.999 
_reflns.pdbx_CC_star                                   ? 
_reflns.pdbx_R_split                                   ? 
_reflns.pdbx_aniso_diffraction_limit_axis_1_ortho[1]   ? 
_reflns.pdbx_aniso_diffraction_limit_axis_1_ortho[2]   ? 
_reflns.pdbx_aniso_diffraction_limit_axis_1_ortho[3]   ? 
_reflns.pdbx_aniso_diffraction_limit_axis_2_ortho[1]   ? 
_reflns.pdbx_aniso_diffraction_limit_axis_2_ortho[2]   ? 
_reflns.pdbx_aniso_diffraction_limit_axis_2_ortho[3]   ? 
_reflns.pdbx_aniso_diffraction_limit_axis_3_ortho[1]   ? 
_reflns.pdbx_aniso_diffraction_limit_axis_3_ortho[2]   ? 
_reflns.pdbx_aniso_diffraction_limit_axis_3_ortho[3]   ? 
_reflns.pdbx_aniso_diffraction_limit_1                 ? 
_reflns.pdbx_aniso_diffraction_limit_2                 ? 
_reflns.pdbx_aniso_diffraction_limit_3                 ? 
_reflns.pdbx_aniso_B_tensor_eigenvector_1_ortho[1]     ? 
_reflns.pdbx_aniso_B_tensor_eigenvector_1_ortho[2]     ? 
_reflns.pdbx_aniso_B_tensor_eigenvector_1_ortho[3]     ? 
_reflns.pdbx_aniso_B_tensor_eigenvector_2_ortho[1]     ? 
_reflns.pdbx_aniso_B_tensor_eigenvector_2_ortho[2]     ? 
_reflns.pdbx_aniso_B_tensor_eigenvector_2_ortho[3]     ? 
_reflns.pdbx_aniso_B_tensor_eigenvector_3_ortho[1]     ? 
_reflns.pdbx_aniso_B_tensor_eigenvector_3_ortho[2]     ? 
_reflns.pdbx_aniso_B_tensor_eigenvector_3_ortho[3]     ? 
_reflns.pdbx_aniso_B_tensor_eigenvalue_1               ? 
_reflns.pdbx_aniso_B_tensor_eigenvalue_2               ? 
_reflns.pdbx_aniso_B_tensor_eigenvalue_3               ? 
_reflns.pdbx_orthogonalization_convention              ? 
_reflns.pdbx_percent_possible_ellipsoidal              ? 
_reflns.pdbx_percent_possible_spherical                ? 
_reflns.pdbx_percent_possible_ellipsoidal_anomalous    ? 
_reflns.pdbx_percent_possible_spherical_anomalous      ? 
_reflns.pdbx_redundancy_anomalous                      ? 
_reflns.pdbx_CC_half_anomalous                         ? 
_reflns.pdbx_absDiff_over_sigma_anomalous              ? 
_reflns.pdbx_percent_possible_anomalous                ? 
_reflns.pdbx_observed_signal_threshold                 ? 
_reflns.pdbx_signal_type                               ? 
_reflns.pdbx_signal_details                            ? 
_reflns.pdbx_signal_software_id                        ? 
# 
_reflns_shell.d_res_high                                    1.9 
_reflns_shell.d_res_low                                     2.0 
_reflns_shell.meanI_over_sigI_all                           ? 
_reflns_shell.meanI_over_sigI_obs                           ? 
_reflns_shell.number_measured_all                           ? 
_reflns_shell.number_measured_obs                           ? 
_reflns_shell.number_possible                               ? 
_reflns_shell.number_unique_all                             ? 
_reflns_shell.number_unique_obs                             897 
_reflns_shell.percent_possible_all                          ? 
_reflns_shell.percent_possible_obs                          ? 
_reflns_shell.Rmerge_F_all                                  ? 
_reflns_shell.Rmerge_F_obs                                  ? 
_reflns_shell.Rmerge_I_all                                  ? 
_reflns_shell.Rmerge_I_obs                                  0.386 
_reflns_shell.meanI_over_sigI_gt                            ? 
_reflns_shell.meanI_over_uI_all                             ? 
_reflns_shell.meanI_over_uI_gt                              ? 
_reflns_shell.number_measured_gt                            ? 
_reflns_shell.number_unique_gt                              ? 
_reflns_shell.percent_possible_gt                           ? 
_reflns_shell.Rmerge_F_gt                                   ? 
_reflns_shell.Rmerge_I_gt                                   ? 
_reflns_shell.pdbx_redundancy                               ? 
_reflns_shell.pdbx_Rsym_value                               ? 
_reflns_shell.pdbx_chi_squared                              ? 
_reflns_shell.pdbx_netI_over_sigmaI_all                     ? 
_reflns_shell.pdbx_netI_over_sigmaI_obs                     ? 
_reflns_shell.pdbx_Rrim_I_all                               ? 
_reflns_shell.pdbx_Rpim_I_all                               ? 
_reflns_shell.pdbx_rejects                                  ? 
_reflns_shell.pdbx_ordinal                                  1 
_reflns_shell.pdbx_diffrn_id                                1 
_reflns_shell.pdbx_CC_half                                  0.864 
_reflns_shell.pdbx_CC_star                                  ? 
_reflns_shell.pdbx_R_split                                  ? 
_reflns_shell.pdbx_percent_possible_ellipsoidal             ? 
_reflns_shell.pdbx_percent_possible_spherical               ? 
_reflns_shell.pdbx_percent_possible_ellipsoidal_anomalous   ? 
_reflns_shell.pdbx_percent_possible_spherical_anomalous     ? 
_reflns_shell.pdbx_redundancy_anomalous                     ? 
_reflns_shell.pdbx_CC_half_anomalous                        ? 
_reflns_shell.pdbx_absDiff_over_sigma_anomalous             ? 
_reflns_shell.pdbx_percent_possible_anomalous               ? 
# 
_refine.aniso_B[1][1]                            ? 
_refine.aniso_B[1][2]                            ? 
_refine.aniso_B[1][3]                            ? 
_refine.aniso_B[2][2]                            ? 
_refine.aniso_B[2][3]                            ? 
_refine.aniso_B[3][3]                            ? 
_refine.B_iso_max                                ? 
_refine.B_iso_mean                               34.91 
_refine.B_iso_min                                ? 
_refine.correlation_coeff_Fo_to_Fc               ? 
_refine.correlation_coeff_Fo_to_Fc_free          ? 
_refine.details                                  ? 
_refine.diff_density_max                         ? 
_refine.diff_density_max_esd                     ? 
_refine.diff_density_min                         ? 
_refine.diff_density_min_esd                     ? 
_refine.diff_density_rms                         ? 
_refine.diff_density_rms_esd                     ? 
_refine.entry_id                                 7PC1 
_refine.pdbx_refine_id                           'X-RAY DIFFRACTION' 
_refine.ls_abs_structure_details                 ? 
_refine.ls_abs_structure_Flack                   ? 
_refine.ls_abs_structure_Flack_esd               ? 
_refine.ls_abs_structure_Rogers                  ? 
_refine.ls_abs_structure_Rogers_esd              ? 
_refine.ls_d_res_high                            1.90 
_refine.ls_d_res_low                             25.94 
_refine.ls_extinction_coef                       ? 
_refine.ls_extinction_coef_esd                   ? 
_refine.ls_extinction_expression                 ? 
_refine.ls_extinction_method                     ? 
_refine.ls_goodness_of_fit_all                   ? 
_refine.ls_goodness_of_fit_all_esd               ? 
_refine.ls_goodness_of_fit_obs                   ? 
_refine.ls_goodness_of_fit_obs_esd               ? 
_refine.ls_hydrogen_treatment                    ? 
_refine.ls_matrix_type                           ? 
_refine.ls_number_constraints                    ? 
_refine.ls_number_parameters                     ? 
_refine.ls_number_reflns_all                     ? 
_refine.ls_number_reflns_obs                     6276 
_refine.ls_number_reflns_R_free                  312 
_refine.ls_number_reflns_R_work                  11914 
_refine.ls_number_restraints                     ? 
_refine.ls_percent_reflns_obs                    99.08 
_refine.ls_percent_reflns_R_free                 4.98 
_refine.ls_R_factor_all                          ? 
_refine.ls_R_factor_obs                          0.2030 
_refine.ls_R_factor_R_free                       0.2222 
_refine.ls_R_factor_R_free_error                 ? 
_refine.ls_R_factor_R_free_error_details         ? 
_refine.ls_R_factor_R_work                       0.2003 
_refine.ls_R_Fsqd_factor_obs                     ? 
_refine.ls_R_I_factor_obs                        ? 
_refine.ls_redundancy_reflns_all                 ? 
_refine.ls_redundancy_reflns_obs                 ? 
_refine.ls_restrained_S_all                      ? 
_refine.ls_restrained_S_obs                      ? 
_refine.ls_shift_over_esd_max                    ? 
_refine.ls_shift_over_esd_mean                   ? 
_refine.ls_structure_factor_coef                 ? 
_refine.ls_weighting_details                     ? 
_refine.ls_weighting_scheme                      ? 
_refine.ls_wR_factor_all                         ? 
_refine.ls_wR_factor_obs                         ? 
_refine.ls_wR_factor_R_free                      ? 
_refine.ls_wR_factor_R_work                      ? 
_refine.occupancy_max                            ? 
_refine.occupancy_min                            ? 
_refine.solvent_model_details                    'FLAT BULK SOLVENT MODEL' 
_refine.solvent_model_param_bsol                 ? 
_refine.solvent_model_param_ksol                 ? 
_refine.pdbx_R_complete                          ? 
_refine.ls_R_factor_gt                           ? 
_refine.ls_goodness_of_fit_gt                    ? 
_refine.ls_goodness_of_fit_ref                   ? 
_refine.ls_shift_over_su_max                     ? 
_refine.ls_shift_over_su_max_lt                  ? 
_refine.ls_shift_over_su_mean                    ? 
_refine.ls_shift_over_su_mean_lt                 ? 
_refine.pdbx_ls_sigma_I                          ? 
_refine.pdbx_ls_sigma_F                          1.96 
_refine.pdbx_ls_sigma_Fsqd                       ? 
_refine.pdbx_data_cutoff_high_absF               ? 
_refine.pdbx_data_cutoff_high_rms_absF           ? 
_refine.pdbx_data_cutoff_low_absF                ? 
_refine.pdbx_isotropic_thermal_model             ? 
_refine.pdbx_ls_cross_valid_method               'FREE R-VALUE' 
_refine.pdbx_method_to_determine_struct          SAD 
_refine.pdbx_starting_model                      ? 
_refine.pdbx_stereochemistry_target_values       'GeoStd + Monomer Library + CDL v1.2' 
_refine.pdbx_R_Free_selection_details            ? 
_refine.pdbx_stereochem_target_val_spec_case     ? 
_refine.pdbx_overall_ESU_R                       ? 
_refine.pdbx_overall_ESU_R_Free                  ? 
_refine.pdbx_solvent_vdw_probe_radii             1.1100 
_refine.pdbx_solvent_ion_probe_radii             ? 
_refine.pdbx_solvent_shrinkage_radii             0.9000 
_refine.pdbx_real_space_R                        ? 
_refine.pdbx_density_correlation                 ? 
_refine.pdbx_pd_number_of_powder_patterns        ? 
_refine.pdbx_pd_number_of_points                 ? 
_refine.pdbx_pd_meas_number_of_points            ? 
_refine.pdbx_pd_proc_ls_prof_R_factor            ? 
_refine.pdbx_pd_proc_ls_prof_wR_factor           ? 
_refine.pdbx_pd_Marquardt_correlation_coeff      ? 
_refine.pdbx_pd_Fsqrd_R_factor                   ? 
_refine.pdbx_pd_ls_matrix_band_width             ? 
_refine.pdbx_overall_phase_error                 35.0527 
_refine.pdbx_overall_SU_R_free_Cruickshank_DPI   ? 
_refine.pdbx_overall_SU_R_free_Blow_DPI          ? 
_refine.pdbx_overall_SU_R_Blow_DPI               ? 
_refine.pdbx_TLS_residual_ADP_flag               ? 
_refine.pdbx_diffrn_id                           1 
_refine.overall_SU_B                             ? 
_refine.overall_SU_ML                            0.1123 
_refine.overall_SU_R_Cruickshank_DPI             ? 
_refine.overall_SU_R_free                        ? 
_refine.overall_FOM_free_R_set                   ? 
_refine.overall_FOM_work_R_set                   ? 
_refine.pdbx_average_fsc_overall                 ? 
_refine.pdbx_average_fsc_work                    ? 
_refine.pdbx_average_fsc_free                    ? 
# 
_refine_hist.pdbx_refine_id                   'X-RAY DIFFRACTION' 
_refine_hist.cycle_id                         LAST 
_refine_hist.details                          ? 
_refine_hist.d_res_high                       1.90 
_refine_hist.d_res_low                        25.94 
_refine_hist.number_atoms_solvent             12 
_refine_hist.number_atoms_total               608 
_refine_hist.number_reflns_all                ? 
_refine_hist.number_reflns_obs                ? 
_refine_hist.number_reflns_R_free             ? 
_refine_hist.number_reflns_R_work             ? 
_refine_hist.R_factor_all                     ? 
_refine_hist.R_factor_obs                     ? 
_refine_hist.R_factor_R_free                  ? 
_refine_hist.R_factor_R_work                  ? 
_refine_hist.pdbx_number_residues_total       ? 
_refine_hist.pdbx_B_iso_mean_ligand           ? 
_refine_hist.pdbx_B_iso_mean_solvent          ? 
_refine_hist.pdbx_number_atoms_protein        596 
_refine_hist.pdbx_number_atoms_nucleic_acid   0 
_refine_hist.pdbx_number_atoms_ligand         0 
_refine_hist.pdbx_number_atoms_lipid          ? 
_refine_hist.pdbx_number_atoms_carb           ? 
_refine_hist.pdbx_pseudo_atom_details         ? 
# 
loop_
_refine_ls_restr.pdbx_refine_id 
_refine_ls_restr.criterion 
_refine_ls_restr.dev_ideal 
_refine_ls_restr.dev_ideal_target 
_refine_ls_restr.number 
_refine_ls_restr.rejects 
_refine_ls_restr.type 
_refine_ls_restr.weight 
_refine_ls_restr.pdbx_restraint_function 
'X-RAY DIFFRACTION' ? 0.0076 ? 603 ? f_bond_d           ? ? 
'X-RAY DIFFRACTION' ? 0.9234 ? 810 ? f_angle_d          ? ? 
'X-RAY DIFFRACTION' ? 0.0510 ? 89  ? f_chiral_restr     ? ? 
'X-RAY DIFFRACTION' ? 0.0051 ? 108 ? f_plane_restr      ? ? 
'X-RAY DIFFRACTION' ? 3.9018 ? 84  ? f_dihedral_angle_d ? ? 
# 
loop_
_refine_ls_shell.pdbx_refine_id 
_refine_ls_shell.d_res_high 
_refine_ls_shell.d_res_low 
_refine_ls_shell.number_reflns_all 
_refine_ls_shell.number_reflns_obs 
_refine_ls_shell.number_reflns_R_free 
_refine_ls_shell.number_reflns_R_work 
_refine_ls_shell.percent_reflns_obs 
_refine_ls_shell.percent_reflns_R_free 
_refine_ls_shell.R_factor_all 
_refine_ls_shell.R_factor_obs 
_refine_ls_shell.R_factor_R_free 
_refine_ls_shell.R_factor_R_free_error 
_refine_ls_shell.R_factor_R_work 
_refine_ls_shell.redundancy_reflns_all 
_refine_ls_shell.redundancy_reflns_obs 
_refine_ls_shell.wR_factor_all 
_refine_ls_shell.wR_factor_obs 
_refine_ls_shell.wR_factor_R_free 
_refine_ls_shell.wR_factor_R_work 
_refine_ls_shell.pdbx_R_complete 
_refine_ls_shell.pdbx_total_number_of_bins_used 
_refine_ls_shell.pdbx_phase_error 
_refine_ls_shell.pdbx_fsc_work 
_refine_ls_shell.pdbx_fsc_free 
'X-RAY DIFFRACTION' 1.90 2.09  . . 136 622  97.49  . . . . . . . . . . . . . . . . . 
'X-RAY DIFFRACTION' 2.09 2.39  . . 180 3016 100.00 . . . . . . . . . . . . . . . . . 
'X-RAY DIFFRACTION' 2.39 3.01  . . 144 3020 100.00 . . . . . . . . . . . . . . . . . 
'X-RAY DIFFRACTION' 3.02 25.94 . . 164 2951 98.95  . . . . . . . . . . . . . . . . . 
# 
_struct.entry_id                     7PC1 
_struct.title                        'DNA binding domain of partition protein StbA of plasmid R388' 
_struct.pdbx_model_details           ? 
_struct.pdbx_formula_weight          ? 
_struct.pdbx_formula_weight_method   ? 
_struct.pdbx_model_type_details      ? 
_struct.pdbx_CASP_flag               N 
# 
_struct_keywords.entry_id        7PC1 
_struct_keywords.text            'Plasmid conjugation, Plasmid partition, Helix-Turn-Helix, DNA BINDING PROTEIN' 
_struct_keywords.pdbx_keywords   'DNA BINDING PROTEIN' 
# 
loop_
_struct_asym.id 
_struct_asym.pdbx_blank_PDB_chainid_flag 
_struct_asym.pdbx_modified 
_struct_asym.entity_id 
_struct_asym.details 
A N N 1 ? 
B N N 2 ? 
# 
_struct_ref.id                         1 
_struct_ref.db_name                    UNP 
_struct_ref.db_code                    Q6I6C4_ECOLX 
_struct_ref.pdbx_db_accession          Q6I6C4 
_struct_ref.pdbx_db_isoform            ? 
_struct_ref.entity_id                  1 
_struct_ref.pdbx_seq_one_letter_code   NETDALKDRIENIRPRMTLAAKLRELMPEIDRQVRAGVQHDDIVETLNANGFDVNLNTFRSYLYRYRKKARA 
_struct_ref.pdbx_align_begin           2 
# 
_struct_ref_seq.align_id                      1 
_struct_ref_seq.ref_id                        1 
_struct_ref_seq.pdbx_PDB_id_code              7PC1 
_struct_ref_seq.pdbx_strand_id                A 
_struct_ref_seq.seq_align_beg                 1 
_struct_ref_seq.pdbx_seq_align_beg_ins_code   ? 
_struct_ref_seq.seq_align_end                 72 
_struct_ref_seq.pdbx_seq_align_end_ins_code   ? 
_struct_ref_seq.pdbx_db_accession             Q6I6C4 
_struct_ref_seq.db_align_beg                  2 
_struct_ref_seq.pdbx_db_align_beg_ins_code    ? 
_struct_ref_seq.db_align_end                  73 
_struct_ref_seq.pdbx_db_align_end_ins_code    ? 
_struct_ref_seq.pdbx_auth_seq_align_beg       2 
_struct_ref_seq.pdbx_auth_seq_align_end       73 
# 
_pdbx_struct_assembly.id                   1 
_pdbx_struct_assembly.details              author_defined_assembly 
_pdbx_struct_assembly.method_details       ? 
_pdbx_struct_assembly.oligomeric_details   monomeric 
_pdbx_struct_assembly.oligomeric_count     1 
# 
loop_
_pdbx_struct_assembly_prop.biol_id 
_pdbx_struct_assembly_prop.type 
_pdbx_struct_assembly_prop.value 
_pdbx_struct_assembly_prop.details 
1 'ABSA (A^2)' 0    ? 
1 MORE         0    ? 
1 'SSA (A^2)'  5630 ? 
# 
_pdbx_struct_assembly_gen.assembly_id       1 
_pdbx_struct_assembly_gen.oper_expression   1 
_pdbx_struct_assembly_gen.asym_id_list      A,B 
# 
_pdbx_struct_assembly_auth_evidence.id                     1 
_pdbx_struct_assembly_auth_evidence.assembly_id            1 
_pdbx_struct_assembly_auth_evidence.experimental_support   'gel filtration' 
_pdbx_struct_assembly_auth_evidence.details                ? 
# 
_pdbx_struct_oper_list.id                   1 
_pdbx_struct_oper_list.type                 'identity operation' 
_pdbx_struct_oper_list.name                 1_555 
_pdbx_struct_oper_list.symmetry_operation   x,y,z 
_pdbx_struct_oper_list.matrix[1][1]         1.0000000000 
_pdbx_struct_oper_list.matrix[1][2]         0.0000000000 
_pdbx_struct_oper_list.matrix[1][3]         0.0000000000 
_pdbx_struct_oper_list.vector[1]            0.0000000000 
_pdbx_struct_oper_list.matrix[2][1]         0.0000000000 
_pdbx_struct_oper_list.matrix[2][2]         1.0000000000 
_pdbx_struct_oper_list.matrix[2][3]         0.0000000000 
_pdbx_struct_oper_list.vector[2]            0.0000000000 
_pdbx_struct_oper_list.matrix[3][1]         0.0000000000 
_pdbx_struct_oper_list.matrix[3][2]         0.0000000000 
_pdbx_struct_oper_list.matrix[3][3]         1.0000000000 
_pdbx_struct_oper_list.vector[3]            0.0000000000 
# 
loop_
_struct_conf.conf_type_id 
_struct_conf.id 
_struct_conf.pdbx_PDB_helix_id 
_struct_conf.beg_label_comp_id 
_struct_conf.beg_label_asym_id 
_struct_conf.beg_label_seq_id 
_struct_conf.pdbx_beg_PDB_ins_code 
_struct_conf.end_label_comp_id 
_struct_conf.end_label_asym_id 
_struct_conf.end_label_seq_id 
_struct_conf.pdbx_end_PDB_ins_code 
_struct_conf.beg_auth_comp_id 
_struct_conf.beg_auth_asym_id 
_struct_conf.beg_auth_seq_id 
_struct_conf.end_auth_comp_id 
_struct_conf.end_auth_asym_id 
_struct_conf.end_auth_seq_id 
_struct_conf.pdbx_PDB_helix_class 
_struct_conf.details 
_struct_conf.pdbx_PDB_helix_length 
HELX_P HELX_P1 AA1 THR A 3  ? ALA A 36 ? THR A 4  ALA A 37 1 ? 34 
HELX_P HELX_P2 AA2 GLN A 39 ? ALA A 49 ? GLN A 40 ALA A 50 1 ? 11 
HELX_P HELX_P3 AA3 ASN A 55 ? ALA A 72 ? ASN A 56 ALA A 73 1 ? 18 
# 
_struct_conf_type.id          HELX_P 
_struct_conf_type.criteria    ? 
_struct_conf_type.reference   ? 
# 
loop_
_struct_conn.id 
_struct_conn.conn_type_id 
_struct_conn.pdbx_leaving_atom_flag 
_struct_conn.pdbx_PDB_id 
_struct_conn.ptnr1_label_asym_id 
_struct_conn.ptnr1_label_comp_id 
_struct_conn.ptnr1_label_seq_id 
_struct_conn.ptnr1_label_atom_id 
_struct_conn.pdbx_ptnr1_label_alt_id 
_struct_conn.pdbx_ptnr1_PDB_ins_code 
_struct_conn.pdbx_ptnr1_standard_comp_id 
_struct_conn.ptnr1_symmetry 
_struct_conn.ptnr2_label_asym_id 
_struct_conn.ptnr2_label_comp_id 
_struct_conn.ptnr2_label_seq_id 
_struct_conn.ptnr2_label_atom_id 
_struct_conn.pdbx_ptnr2_label_alt_id 
_struct_conn.pdbx_ptnr2_PDB_ins_code 
_struct_conn.ptnr1_auth_asym_id 
_struct_conn.ptnr1_auth_comp_id 
_struct_conn.ptnr1_auth_seq_id 
_struct_conn.ptnr2_auth_asym_id 
_struct_conn.ptnr2_auth_comp_id 
_struct_conn.ptnr2_auth_seq_id 
_struct_conn.ptnr2_symmetry 
_struct_conn.pdbx_ptnr3_label_atom_id 
_struct_conn.pdbx_ptnr3_label_seq_id 
_struct_conn.pdbx_ptnr3_label_comp_id 
_struct_conn.pdbx_ptnr3_label_asym_id 
_struct_conn.pdbx_ptnr3_label_alt_id 
_struct_conn.pdbx_ptnr3_PDB_ins_code 
_struct_conn.details 
_struct_conn.pdbx_dist_value 
_struct_conn.pdbx_value_order 
_struct_conn.pdbx_role 
covale1 covale both ? A ARG 16 C ? ? ? 1_555 A MSE 17 N ? ? A ARG 17 A MSE 18 1_555 ? ? ? ? ? ? ? 1.329 ? ? 
covale2 covale both ? A MSE 17 C ? ? ? 1_555 A THR 18 N ? ? A MSE 18 A THR 19 1_555 ? ? ? ? ? ? ? 1.336 ? ? 
covale3 covale both ? A LEU 26 C ? ? ? 1_555 A MSE 27 N ? ? A LEU 27 A MSE 28 1_555 ? ? ? ? ? ? ? 1.323 ? ? 
covale4 covale both ? A MSE 27 C ? ? ? 1_555 A PRO 28 N ? ? A MSE 28 A PRO 29 1_555 ? ? ? ? ? ? ? 1.346 ? ? 
# 
_struct_conn_type.id          covale 
_struct_conn_type.criteria    ? 
_struct_conn_type.reference   ? 
# 
loop_
_pdbx_modification_feature.ordinal 
_pdbx_modification_feature.label_comp_id 
_pdbx_modification_feature.label_asym_id 
_pdbx_modification_feature.label_seq_id 
_pdbx_modification_feature.label_alt_id 
_pdbx_modification_feature.modified_residue_label_comp_id 
_pdbx_modification_feature.modified_residue_label_asym_id 
_pdbx_modification_feature.modified_residue_label_seq_id 
_pdbx_modification_feature.modified_residue_label_alt_id 
_pdbx_modification_feature.auth_comp_id 
_pdbx_modification_feature.auth_asym_id 
_pdbx_modification_feature.auth_seq_id 
_pdbx_modification_feature.PDB_ins_code 
_pdbx_modification_feature.symmetry 
_pdbx_modification_feature.modified_residue_auth_comp_id 
_pdbx_modification_feature.modified_residue_auth_asym_id 
_pdbx_modification_feature.modified_residue_auth_seq_id 
_pdbx_modification_feature.modified_residue_PDB_ins_code 
_pdbx_modification_feature.modified_residue_symmetry 
_pdbx_modification_feature.comp_id_linking_atom 
_pdbx_modification_feature.modified_residue_id_linking_atom 
_pdbx_modification_feature.modified_residue_id 
_pdbx_modification_feature.ref_pcm_id 
_pdbx_modification_feature.ref_comp_id 
_pdbx_modification_feature.type 
_pdbx_modification_feature.category 
1 MSE A 17 ? . . . . MSE A 18 ? 1_555 . . . . . . . MET 1 MSE Selenomethionine 'Named protein modification' 
2 MSE A 27 ? . . . . MSE A 28 ? 1_555 . . . . . . . MET 1 MSE Selenomethionine 'Named protein modification' 
# 
_pdbx_entry_details.entry_id                   7PC1 
_pdbx_entry_details.has_ligand_of_interest     N 
_pdbx_entry_details.compound_details           ? 
_pdbx_entry_details.source_details             ? 
_pdbx_entry_details.nonpolymer_details         ? 
_pdbx_entry_details.sequence_details           ? 
_pdbx_entry_details.has_protein_modification   Y 
# 
_pdbx_validate_torsion.id              1 
_pdbx_validate_torsion.PDB_model_num   1 
_pdbx_validate_torsion.auth_comp_id    ASN 
_pdbx_validate_torsion.auth_asym_id    A 
_pdbx_validate_torsion.auth_seq_id     51 
_pdbx_validate_torsion.PDB_ins_code    ? 
_pdbx_validate_torsion.label_alt_id    ? 
_pdbx_validate_torsion.phi             -140.05 
_pdbx_validate_torsion.psi             35.28 
# 
loop_
_pdbx_struct_mod_residue.id 
_pdbx_struct_mod_residue.label_asym_id 
_pdbx_struct_mod_residue.label_comp_id 
_pdbx_struct_mod_residue.label_seq_id 
_pdbx_struct_mod_residue.auth_asym_id 
_pdbx_struct_mod_residue.auth_comp_id 
_pdbx_struct_mod_residue.auth_seq_id 
_pdbx_struct_mod_residue.PDB_ins_code 
_pdbx_struct_mod_residue.parent_comp_id 
_pdbx_struct_mod_residue.details 
1 A MSE 17 A MSE 18 ? MET 'modified residue' 
2 A MSE 27 A MSE 28 ? MET 'modified residue' 
# 
loop_
_space_group_symop.id 
_space_group_symop.operation_xyz 
1 x,y,z         
2 -y,x-y,z+1/3  
3 -x+y,-x,z+2/3 
# 
loop_
_chem_comp_atom.comp_id 
_chem_comp_atom.atom_id 
_chem_comp_atom.type_symbol 
_chem_comp_atom.pdbx_aromatic_flag 
_chem_comp_atom.pdbx_stereo_config 
_chem_comp_atom.pdbx_ordinal 
ALA N    N  N N 1   
ALA CA   C  N S 2   
ALA C    C  N N 3   
ALA O    O  N N 4   
ALA CB   C  N N 5   
ALA OXT  O  N N 6   
ALA H    H  N N 7   
ALA H2   H  N N 8   
ALA HA   H  N N 9   
ALA HB1  H  N N 10  
ALA HB2  H  N N 11  
ALA HB3  H  N N 12  
ALA HXT  H  N N 13  
ARG N    N  N N 14  
ARG CA   C  N S 15  
ARG C    C  N N 16  
ARG O    O  N N 17  
ARG CB   C  N N 18  
ARG CG   C  N N 19  
ARG CD   C  N N 20  
ARG NE   N  N N 21  
ARG CZ   C  N N 22  
ARG NH1  N  N N 23  
ARG NH2  N  N N 24  
ARG OXT  O  N N 25  
ARG H    H  N N 26  
ARG H2   H  N N 27  
ARG HA   H  N N 28  
ARG HB2  H  N N 29  
ARG HB3  H  N N 30  
ARG HG2  H  N N 31  
ARG HG3  H  N N 32  
ARG HD2  H  N N 33  
ARG HD3  H  N N 34  
ARG HE   H  N N 35  
ARG HH11 H  N N 36  
ARG HH12 H  N N 37  
ARG HH21 H  N N 38  
ARG HH22 H  N N 39  
ARG HXT  H  N N 40  
ASN N    N  N N 41  
ASN CA   C  N S 42  
ASN C    C  N N 43  
ASN O    O  N N 44  
ASN CB   C  N N 45  
ASN CG   C  N N 46  
ASN OD1  O  N N 47  
ASN ND2  N  N N 48  
ASN OXT  O  N N 49  
ASN H    H  N N 50  
ASN H2   H  N N 51  
ASN HA   H  N N 52  
ASN HB2  H  N N 53  
ASN HB3  H  N N 54  
ASN HD21 H  N N 55  
ASN HD22 H  N N 56  
ASN HXT  H  N N 57  
ASP N    N  N N 58  
ASP CA   C  N S 59  
ASP C    C  N N 60  
ASP O    O  N N 61  
ASP CB   C  N N 62  
ASP CG   C  N N 63  
ASP OD1  O  N N 64  
ASP OD2  O  N N 65  
ASP OXT  O  N N 66  
ASP H    H  N N 67  
ASP H2   H  N N 68  
ASP HA   H  N N 69  
ASP HB2  H  N N 70  
ASP HB3  H  N N 71  
ASP HD2  H  N N 72  
ASP HXT  H  N N 73  
GLN N    N  N N 74  
GLN CA   C  N S 75  
GLN C    C  N N 76  
GLN O    O  N N 77  
GLN CB   C  N N 78  
GLN CG   C  N N 79  
GLN CD   C  N N 80  
GLN OE1  O  N N 81  
GLN NE2  N  N N 82  
GLN OXT  O  N N 83  
GLN H    H  N N 84  
GLN H2   H  N N 85  
GLN HA   H  N N 86  
GLN HB2  H  N N 87  
GLN HB3  H  N N 88  
GLN HG2  H  N N 89  
GLN HG3  H  N N 90  
GLN HE21 H  N N 91  
GLN HE22 H  N N 92  
GLN HXT  H  N N 93  
GLU N    N  N N 94  
GLU CA   C  N S 95  
GLU C    C  N N 96  
GLU O    O  N N 97  
GLU CB   C  N N 98  
GLU CG   C  N N 99  
GLU CD   C  N N 100 
GLU OE1  O  N N 101 
GLU OE2  O  N N 102 
GLU OXT  O  N N 103 
GLU H    H  N N 104 
GLU H2   H  N N 105 
GLU HA   H  N N 106 
GLU HB2  H  N N 107 
GLU HB3  H  N N 108 
GLU HG2  H  N N 109 
GLU HG3  H  N N 110 
GLU HE2  H  N N 111 
GLU HXT  H  N N 112 
GLY N    N  N N 113 
GLY CA   C  N N 114 
GLY C    C  N N 115 
GLY O    O  N N 116 
GLY OXT  O  N N 117 
GLY H    H  N N 118 
GLY H2   H  N N 119 
GLY HA2  H  N N 120 
GLY HA3  H  N N 121 
GLY HXT  H  N N 122 
HIS N    N  N N 123 
HIS CA   C  N S 124 
HIS C    C  N N 125 
HIS O    O  N N 126 
HIS CB   C  N N 127 
HIS CG   C  Y N 128 
HIS ND1  N  Y N 129 
HIS CD2  C  Y N 130 
HIS CE1  C  Y N 131 
HIS NE2  N  Y N 132 
HIS OXT  O  N N 133 
HIS H    H  N N 134 
HIS H2   H  N N 135 
HIS HA   H  N N 136 
HIS HB2  H  N N 137 
HIS HB3  H  N N 138 
HIS HD1  H  N N 139 
HIS HD2  H  N N 140 
HIS HE1  H  N N 141 
HIS HE2  H  N N 142 
HIS HXT  H  N N 143 
HOH O    O  N N 144 
HOH H1   H  N N 145 
HOH H2   H  N N 146 
ILE N    N  N N 147 
ILE CA   C  N S 148 
ILE C    C  N N 149 
ILE O    O  N N 150 
ILE CB   C  N S 151 
ILE CG1  C  N N 152 
ILE CG2  C  N N 153 
ILE CD1  C  N N 154 
ILE OXT  O  N N 155 
ILE H    H  N N 156 
ILE H2   H  N N 157 
ILE HA   H  N N 158 
ILE HB   H  N N 159 
ILE HG12 H  N N 160 
ILE HG13 H  N N 161 
ILE HG21 H  N N 162 
ILE HG22 H  N N 163 
ILE HG23 H  N N 164 
ILE HD11 H  N N 165 
ILE HD12 H  N N 166 
ILE HD13 H  N N 167 
ILE HXT  H  N N 168 
LEU N    N  N N 169 
LEU CA   C  N S 170 
LEU C    C  N N 171 
LEU O    O  N N 172 
LEU CB   C  N N 173 
LEU CG   C  N N 174 
LEU CD1  C  N N 175 
LEU CD2  C  N N 176 
LEU OXT  O  N N 177 
LEU H    H  N N 178 
LEU H2   H  N N 179 
LEU HA   H  N N 180 
LEU HB2  H  N N 181 
LEU HB3  H  N N 182 
LEU HG   H  N N 183 
LEU HD11 H  N N 184 
LEU HD12 H  N N 185 
LEU HD13 H  N N 186 
LEU HD21 H  N N 187 
LEU HD22 H  N N 188 
LEU HD23 H  N N 189 
LEU HXT  H  N N 190 
LYS N    N  N N 191 
LYS CA   C  N S 192 
LYS C    C  N N 193 
LYS O    O  N N 194 
LYS CB   C  N N 195 
LYS CG   C  N N 196 
LYS CD   C  N N 197 
LYS CE   C  N N 198 
LYS NZ   N  N N 199 
LYS OXT  O  N N 200 
LYS H    H  N N 201 
LYS H2   H  N N 202 
LYS HA   H  N N 203 
LYS HB2  H  N N 204 
LYS HB3  H  N N 205 
LYS HG2  H  N N 206 
LYS HG3  H  N N 207 
LYS HD2  H  N N 208 
LYS HD3  H  N N 209 
LYS HE2  H  N N 210 
LYS HE3  H  N N 211 
LYS HZ1  H  N N 212 
LYS HZ2  H  N N 213 
LYS HZ3  H  N N 214 
LYS HXT  H  N N 215 
MSE N    N  N N 216 
MSE CA   C  N S 217 
MSE C    C  N N 218 
MSE O    O  N N 219 
MSE OXT  O  N N 220 
MSE CB   C  N N 221 
MSE CG   C  N N 222 
MSE SE   SE N N 223 
MSE CE   C  N N 224 
MSE H    H  N N 225 
MSE H2   H  N N 226 
MSE HA   H  N N 227 
MSE HXT  H  N N 228 
MSE HB2  H  N N 229 
MSE HB3  H  N N 230 
MSE HG2  H  N N 231 
MSE HG3  H  N N 232 
MSE HE1  H  N N 233 
MSE HE2  H  N N 234 
MSE HE3  H  N N 235 
PHE N    N  N N 236 
PHE CA   C  N S 237 
PHE C    C  N N 238 
PHE O    O  N N 239 
PHE CB   C  N N 240 
PHE CG   C  Y N 241 
PHE CD1  C  Y N 242 
PHE CD2  C  Y N 243 
PHE CE1  C  Y N 244 
PHE CE2  C  Y N 245 
PHE CZ   C  Y N 246 
PHE OXT  O  N N 247 
PHE H    H  N N 248 
PHE H2   H  N N 249 
PHE HA   H  N N 250 
PHE HB2  H  N N 251 
PHE HB3  H  N N 252 
PHE HD1  H  N N 253 
PHE HD2  H  N N 254 
PHE HE1  H  N N 255 
PHE HE2  H  N N 256 
PHE HZ   H  N N 257 
PHE HXT  H  N N 258 
PRO N    N  N N 259 
PRO CA   C  N S 260 
PRO C    C  N N 261 
PRO O    O  N N 262 
PRO CB   C  N N 263 
PRO CG   C  N N 264 
PRO CD   C  N N 265 
PRO OXT  O  N N 266 
PRO H    H  N N 267 
PRO HA   H  N N 268 
PRO HB2  H  N N 269 
PRO HB3  H  N N 270 
PRO HG2  H  N N 271 
PRO HG3  H  N N 272 
PRO HD2  H  N N 273 
PRO HD3  H  N N 274 
PRO HXT  H  N N 275 
SER N    N  N N 276 
SER CA   C  N S 277 
SER C    C  N N 278 
SER O    O  N N 279 
SER CB   C  N N 280 
SER OG   O  N N 281 
SER OXT  O  N N 282 
SER H    H  N N 283 
SER H2   H  N N 284 
SER HA   H  N N 285 
SER HB2  H  N N 286 
SER HB3  H  N N 287 
SER HG   H  N N 288 
SER HXT  H  N N 289 
THR N    N  N N 290 
THR CA   C  N S 291 
THR C    C  N N 292 
THR O    O  N N 293 
THR CB   C  N R 294 
THR OG1  O  N N 295 
THR CG2  C  N N 296 
THR OXT  O  N N 297 
THR H    H  N N 298 
THR H2   H  N N 299 
THR HA   H  N N 300 
THR HB   H  N N 301 
THR HG1  H  N N 302 
THR HG21 H  N N 303 
THR HG22 H  N N 304 
THR HG23 H  N N 305 
THR HXT  H  N N 306 
TYR N    N  N N 307 
TYR CA   C  N S 308 
TYR C    C  N N 309 
TYR O    O  N N 310 
TYR CB   C  N N 311 
TYR CG   C  Y N 312 
TYR CD1  C  Y N 313 
TYR CD2  C  Y N 314 
TYR CE1  C  Y N 315 
TYR CE2  C  Y N 316 
TYR CZ   C  Y N 317 
TYR OH   O  N N 318 
TYR OXT  O  N N 319 
TYR H    H  N N 320 
TYR H2   H  N N 321 
TYR HA   H  N N 322 
TYR HB2  H  N N 323 
TYR HB3  H  N N 324 
TYR HD1  H  N N 325 
TYR HD2  H  N N 326 
TYR HE1  H  N N 327 
TYR HE2  H  N N 328 
TYR HH   H  N N 329 
TYR HXT  H  N N 330 
VAL N    N  N N 331 
VAL CA   C  N S 332 
VAL C    C  N N 333 
VAL O    O  N N 334 
VAL CB   C  N N 335 
VAL CG1  C  N N 336 
VAL CG2  C  N N 337 
VAL OXT  O  N N 338 
VAL H    H  N N 339 
VAL H2   H  N N 340 
VAL HA   H  N N 341 
VAL HB   H  N N 342 
VAL HG11 H  N N 343 
VAL HG12 H  N N 344 
VAL HG13 H  N N 345 
VAL HG21 H  N N 346 
VAL HG22 H  N N 347 
VAL HG23 H  N N 348 
VAL HXT  H  N N 349 
# 
loop_
_chem_comp_bond.comp_id 
_chem_comp_bond.atom_id_1 
_chem_comp_bond.atom_id_2 
_chem_comp_bond.value_order 
_chem_comp_bond.pdbx_aromatic_flag 
_chem_comp_bond.pdbx_stereo_config 
_chem_comp_bond.pdbx_ordinal 
ALA N   CA   sing N N 1   
ALA N   H    sing N N 2   
ALA N   H2   sing N N 3   
ALA CA  C    sing N N 4   
ALA CA  CB   sing N N 5   
ALA CA  HA   sing N N 6   
ALA C   O    doub N N 7   
ALA C   OXT  sing N N 8   
ALA CB  HB1  sing N N 9   
ALA CB  HB2  sing N N 10  
ALA CB  HB3  sing N N 11  
ALA OXT HXT  sing N N 12  
ARG N   CA   sing N N 13  
ARG N   H    sing N N 14  
ARG N   H2   sing N N 15  
ARG CA  C    sing N N 16  
ARG CA  CB   sing N N 17  
ARG CA  HA   sing N N 18  
ARG C   O    doub N N 19  
ARG C   OXT  sing N N 20  
ARG CB  CG   sing N N 21  
ARG CB  HB2  sing N N 22  
ARG CB  HB3  sing N N 23  
ARG CG  CD   sing N N 24  
ARG CG  HG2  sing N N 25  
ARG CG  HG3  sing N N 26  
ARG CD  NE   sing N N 27  
ARG CD  HD2  sing N N 28  
ARG CD  HD3  sing N N 29  
ARG NE  CZ   sing N N 30  
ARG NE  HE   sing N N 31  
ARG CZ  NH1  sing N N 32  
ARG CZ  NH2  doub N N 33  
ARG NH1 HH11 sing N N 34  
ARG NH1 HH12 sing N N 35  
ARG NH2 HH21 sing N N 36  
ARG NH2 HH22 sing N N 37  
ARG OXT HXT  sing N N 38  
ASN N   CA   sing N N 39  
ASN N   H    sing N N 40  
ASN N   H2   sing N N 41  
ASN CA  C    sing N N 42  
ASN CA  CB   sing N N 43  
ASN CA  HA   sing N N 44  
ASN C   O    doub N N 45  
ASN C   OXT  sing N N 46  
ASN CB  CG   sing N N 47  
ASN CB  HB2  sing N N 48  
ASN CB  HB3  sing N N 49  
ASN CG  OD1  doub N N 50  
ASN CG  ND2  sing N N 51  
ASN ND2 HD21 sing N N 52  
ASN ND2 HD22 sing N N 53  
ASN OXT HXT  sing N N 54  
ASP N   CA   sing N N 55  
ASP N   H    sing N N 56  
ASP N   H2   sing N N 57  
ASP CA  C    sing N N 58  
ASP CA  CB   sing N N 59  
ASP CA  HA   sing N N 60  
ASP C   O    doub N N 61  
ASP C   OXT  sing N N 62  
ASP CB  CG   sing N N 63  
ASP CB  HB2  sing N N 64  
ASP CB  HB3  sing N N 65  
ASP CG  OD1  doub N N 66  
ASP CG  OD2  sing N N 67  
ASP OD2 HD2  sing N N 68  
ASP OXT HXT  sing N N 69  
GLN N   CA   sing N N 70  
GLN N   H    sing N N 71  
GLN N   H2   sing N N 72  
GLN CA  C    sing N N 73  
GLN CA  CB   sing N N 74  
GLN CA  HA   sing N N 75  
GLN C   O    doub N N 76  
GLN C   OXT  sing N N 77  
GLN CB  CG   sing N N 78  
GLN CB  HB2  sing N N 79  
GLN CB  HB3  sing N N 80  
GLN CG  CD   sing N N 81  
GLN CG  HG2  sing N N 82  
GLN CG  HG3  sing N N 83  
GLN CD  OE1  doub N N 84  
GLN CD  NE2  sing N N 85  
GLN NE2 HE21 sing N N 86  
GLN NE2 HE22 sing N N 87  
GLN OXT HXT  sing N N 88  
GLU N   CA   sing N N 89  
GLU N   H    sing N N 90  
GLU N   H2   sing N N 91  
GLU CA  C    sing N N 92  
GLU CA  CB   sing N N 93  
GLU CA  HA   sing N N 94  
GLU C   O    doub N N 95  
GLU C   OXT  sing N N 96  
GLU CB  CG   sing N N 97  
GLU CB  HB2  sing N N 98  
GLU CB  HB3  sing N N 99  
GLU CG  CD   sing N N 100 
GLU CG  HG2  sing N N 101 
GLU CG  HG3  sing N N 102 
GLU CD  OE1  doub N N 103 
GLU CD  OE2  sing N N 104 
GLU OE2 HE2  sing N N 105 
GLU OXT HXT  sing N N 106 
GLY N   CA   sing N N 107 
GLY N   H    sing N N 108 
GLY N   H2   sing N N 109 
GLY CA  C    sing N N 110 
GLY CA  HA2  sing N N 111 
GLY CA  HA3  sing N N 112 
GLY C   O    doub N N 113 
GLY C   OXT  sing N N 114 
GLY OXT HXT  sing N N 115 
HIS N   CA   sing N N 116 
HIS N   H    sing N N 117 
HIS N   H2   sing N N 118 
HIS CA  C    sing N N 119 
HIS CA  CB   sing N N 120 
HIS CA  HA   sing N N 121 
HIS C   O    doub N N 122 
HIS C   OXT  sing N N 123 
HIS CB  CG   sing N N 124 
HIS CB  HB2  sing N N 125 
HIS CB  HB3  sing N N 126 
HIS CG  ND1  sing Y N 127 
HIS CG  CD2  doub Y N 128 
HIS ND1 CE1  doub Y N 129 
HIS ND1 HD1  sing N N 130 
HIS CD2 NE2  sing Y N 131 
HIS CD2 HD2  sing N N 132 
HIS CE1 NE2  sing Y N 133 
HIS CE1 HE1  sing N N 134 
HIS NE2 HE2  sing N N 135 
HIS OXT HXT  sing N N 136 
HOH O   H1   sing N N 137 
HOH O   H2   sing N N 138 
ILE N   CA   sing N N 139 
ILE N   H    sing N N 140 
ILE N   H2   sing N N 141 
ILE CA  C    sing N N 142 
ILE CA  CB   sing N N 143 
ILE CA  HA   sing N N 144 
ILE C   O    doub N N 145 
ILE C   OXT  sing N N 146 
ILE CB  CG1  sing N N 147 
ILE CB  CG2  sing N N 148 
ILE CB  HB   sing N N 149 
ILE CG1 CD1  sing N N 150 
ILE CG1 HG12 sing N N 151 
ILE CG1 HG13 sing N N 152 
ILE CG2 HG21 sing N N 153 
ILE CG2 HG22 sing N N 154 
ILE CG2 HG23 sing N N 155 
ILE CD1 HD11 sing N N 156 
ILE CD1 HD12 sing N N 157 
ILE CD1 HD13 sing N N 158 
ILE OXT HXT  sing N N 159 
LEU N   CA   sing N N 160 
LEU N   H    sing N N 161 
LEU N   H2   sing N N 162 
LEU CA  C    sing N N 163 
LEU CA  CB   sing N N 164 
LEU CA  HA   sing N N 165 
LEU C   O    doub N N 166 
LEU C   OXT  sing N N 167 
LEU CB  CG   sing N N 168 
LEU CB  HB2  sing N N 169 
LEU CB  HB3  sing N N 170 
LEU CG  CD1  sing N N 171 
LEU CG  CD2  sing N N 172 
LEU CG  HG   sing N N 173 
LEU CD1 HD11 sing N N 174 
LEU CD1 HD12 sing N N 175 
LEU CD1 HD13 sing N N 176 
LEU CD2 HD21 sing N N 177 
LEU CD2 HD22 sing N N 178 
LEU CD2 HD23 sing N N 179 
LEU OXT HXT  sing N N 180 
LYS N   CA   sing N N 181 
LYS N   H    sing N N 182 
LYS N   H2   sing N N 183 
LYS CA  C    sing N N 184 
LYS CA  CB   sing N N 185 
LYS CA  HA   sing N N 186 
LYS C   O    doub N N 187 
LYS C   OXT  sing N N 188 
LYS CB  CG   sing N N 189 
LYS CB  HB2  sing N N 190 
LYS CB  HB3  sing N N 191 
LYS CG  CD   sing N N 192 
LYS CG  HG2  sing N N 193 
LYS CG  HG3  sing N N 194 
LYS CD  CE   sing N N 195 
LYS CD  HD2  sing N N 196 
LYS CD  HD3  sing N N 197 
LYS CE  NZ   sing N N 198 
LYS CE  HE2  sing N N 199 
LYS CE  HE3  sing N N 200 
LYS NZ  HZ1  sing N N 201 
LYS NZ  HZ2  sing N N 202 
LYS NZ  HZ3  sing N N 203 
LYS OXT HXT  sing N N 204 
MSE N   CA   sing N N 205 
MSE N   H    sing N N 206 
MSE N   H2   sing N N 207 
MSE CA  C    sing N N 208 
MSE CA  CB   sing N N 209 
MSE CA  HA   sing N N 210 
MSE C   O    doub N N 211 
MSE C   OXT  sing N N 212 
MSE OXT HXT  sing N N 213 
MSE CB  CG   sing N N 214 
MSE CB  HB2  sing N N 215 
MSE CB  HB3  sing N N 216 
MSE CG  SE   sing N N 217 
MSE CG  HG2  sing N N 218 
MSE CG  HG3  sing N N 219 
MSE SE  CE   sing N N 220 
MSE CE  HE1  sing N N 221 
MSE CE  HE2  sing N N 222 
MSE CE  HE3  sing N N 223 
PHE N   CA   sing N N 224 
PHE N   H    sing N N 225 
PHE N   H2   sing N N 226 
PHE CA  C    sing N N 227 
PHE CA  CB   sing N N 228 
PHE CA  HA   sing N N 229 
PHE C   O    doub N N 230 
PHE C   OXT  sing N N 231 
PHE CB  CG   sing N N 232 
PHE CB  HB2  sing N N 233 
PHE CB  HB3  sing N N 234 
PHE CG  CD1  doub Y N 235 
PHE CG  CD2  sing Y N 236 
PHE CD1 CE1  sing Y N 237 
PHE CD1 HD1  sing N N 238 
PHE CD2 CE2  doub Y N 239 
PHE CD2 HD2  sing N N 240 
PHE CE1 CZ   doub Y N 241 
PHE CE1 HE1  sing N N 242 
PHE CE2 CZ   sing Y N 243 
PHE CE2 HE2  sing N N 244 
PHE CZ  HZ   sing N N 245 
PHE OXT HXT  sing N N 246 
PRO N   CA   sing N N 247 
PRO N   CD   sing N N 248 
PRO N   H    sing N N 249 
PRO CA  C    sing N N 250 
PRO CA  CB   sing N N 251 
PRO CA  HA   sing N N 252 
PRO C   O    doub N N 253 
PRO C   OXT  sing N N 254 
PRO CB  CG   sing N N 255 
PRO CB  HB2  sing N N 256 
PRO CB  HB3  sing N N 257 
PRO CG  CD   sing N N 258 
PRO CG  HG2  sing N N 259 
PRO CG  HG3  sing N N 260 
PRO CD  HD2  sing N N 261 
PRO CD  HD3  sing N N 262 
PRO OXT HXT  sing N N 263 
SER N   CA   sing N N 264 
SER N   H    sing N N 265 
SER N   H2   sing N N 266 
SER CA  C    sing N N 267 
SER CA  CB   sing N N 268 
SER CA  HA   sing N N 269 
SER C   O    doub N N 270 
SER C   OXT  sing N N 271 
SER CB  OG   sing N N 272 
SER CB  HB2  sing N N 273 
SER CB  HB3  sing N N 274 
SER OG  HG   sing N N 275 
SER OXT HXT  sing N N 276 
THR N   CA   sing N N 277 
THR N   H    sing N N 278 
THR N   H2   sing N N 279 
THR CA  C    sing N N 280 
THR CA  CB   sing N N 281 
THR CA  HA   sing N N 282 
THR C   O    doub N N 283 
THR C   OXT  sing N N 284 
THR CB  OG1  sing N N 285 
THR CB  CG2  sing N N 286 
THR CB  HB   sing N N 287 
THR OG1 HG1  sing N N 288 
THR CG2 HG21 sing N N 289 
THR CG2 HG22 sing N N 290 
THR CG2 HG23 sing N N 291 
THR OXT HXT  sing N N 292 
TYR N   CA   sing N N 293 
TYR N   H    sing N N 294 
TYR N   H2   sing N N 295 
TYR CA  C    sing N N 296 
TYR CA  CB   sing N N 297 
TYR CA  HA   sing N N 298 
TYR C   O    doub N N 299 
TYR C   OXT  sing N N 300 
TYR CB  CG   sing N N 301 
TYR CB  HB2  sing N N 302 
TYR CB  HB3  sing N N 303 
TYR CG  CD1  doub Y N 304 
TYR CG  CD2  sing Y N 305 
TYR CD1 CE1  sing Y N 306 
TYR CD1 HD1  sing N N 307 
TYR CD2 CE2  doub Y N 308 
TYR CD2 HD2  sing N N 309 
TYR CE1 CZ   doub Y N 310 
TYR CE1 HE1  sing N N 311 
TYR CE2 CZ   sing Y N 312 
TYR CE2 HE2  sing N N 313 
TYR CZ  OH   sing N N 314 
TYR OH  HH   sing N N 315 
TYR OXT HXT  sing N N 316 
VAL N   CA   sing N N 317 
VAL N   H    sing N N 318 
VAL N   H2   sing N N 319 
VAL CA  C    sing N N 320 
VAL CA  CB   sing N N 321 
VAL CA  HA   sing N N 322 
VAL C   O    doub N N 323 
VAL C   OXT  sing N N 324 
VAL CB  CG1  sing N N 325 
VAL CB  CG2  sing N N 326 
VAL CB  HB   sing N N 327 
VAL CG1 HG11 sing N N 328 
VAL CG1 HG12 sing N N 329 
VAL CG1 HG13 sing N N 330 
VAL CG2 HG21 sing N N 331 
VAL CG2 HG22 sing N N 332 
VAL CG2 HG23 sing N N 333 
VAL OXT HXT  sing N N 334 
# 
_pdbx_audit_support.funding_organization   'Spanish Ministry of Science, Innovation, and Universities' 
_pdbx_audit_support.country                Spain 
_pdbx_audit_support.grant_number           PGC2018-093885-B-I00 
_pdbx_audit_support.ordinal                1 
# 
_space_group.name_H-M_alt     'P 31' 
_space_group.name_Hall        'P 31' 
_space_group.IT_number        144 
_space_group.crystal_system   trigonal 
_space_group.id               1 
# 
_atom_sites.entry_id                    7PC1 
_atom_sites.Cartn_transf_matrix[1][1]   ? 
_atom_sites.Cartn_transf_matrix[1][2]   ? 
_atom_sites.Cartn_transf_matrix[1][3]   ? 
_atom_sites.Cartn_transf_matrix[2][1]   ? 
_atom_sites.Cartn_transf_matrix[2][2]   ? 
_atom_sites.Cartn_transf_matrix[2][3]   ? 
_atom_sites.Cartn_transf_matrix[3][1]   ? 
_atom_sites.Cartn_transf_matrix[3][2]   ? 
_atom_sites.Cartn_transf_matrix[3][3]   ? 
_atom_sites.Cartn_transf_vector[1]      ? 
_atom_sites.Cartn_transf_vector[2]      ? 
_atom_sites.Cartn_transf_vector[3]      ? 
_atom_sites.fract_transf_matrix[1][1]   0.01526320 
_atom_sites.fract_transf_matrix[1][2]   0.00861269 
_atom_sites.fract_transf_matrix[1][3]   -0.01826055 
_atom_sites.fract_transf_matrix[2][1]   -0.00870364 
_atom_sites.fract_transf_matrix[2][2]   0.01664412 
_atom_sites.fract_transf_matrix[2][3]   -0.01696514 
_atom_sites.fract_transf_matrix[3][1]   0.00827124 
_atom_sites.fract_transf_matrix[3][2]   0.02190125 
_atom_sites.fract_transf_matrix[3][3]   0.01724342 
_atom_sites.fract_transf_vector[1]      0.525651 
_atom_sites.fract_transf_vector[2]      0.513227 
_atom_sites.fract_transf_vector[3]      0.778862 
_atom_sites.solution_primary            ? 
_atom_sites.solution_secondary          ? 
_atom_sites.solution_hydrogens          ? 
_atom_sites.special_details             ? 
# 
loop_
_atom_type.symbol 
_atom_type.scat_dispersion_real 
_atom_type.scat_dispersion_imag 
_atom_type.scat_Cromer_Mann_a1 
_atom_type.scat_Cromer_Mann_a2 
_atom_type.scat_Cromer_Mann_a3 
_atom_type.scat_Cromer_Mann_a4 
_atom_type.scat_Cromer_Mann_b1 
_atom_type.scat_Cromer_Mann_b2 
_atom_type.scat_Cromer_Mann_b3 
_atom_type.scat_Cromer_Mann_b4 
_atom_type.scat_Cromer_Mann_c 
_atom_type.scat_source 
_atom_type.scat_dispersion_source 
C  ? ? 3.54356 2.42580 ? ? 25.62398 1.50364  ? ? 0.0 
;2-Gaussian fit: Grosse-Kunstleve RW, Sauter NK, Adams PD: Newsletter of the IUCr Commission on Crystallographic Computing 2004, 3, 22-31.
;
? 
N  ? ? 4.01032 2.96436 ? ? 19.97189 1.75589  ? ? 0.0 
;2-Gaussian fit: Grosse-Kunstleve RW, Sauter NK, Adams PD: Newsletter of the IUCr Commission on Crystallographic Computing 2004, 3, 22-31.
;
? 
O  ? ? 4.49882 3.47563 ? ? 15.80542 1.70748  ? ? 0.0 
;2-Gaussian fit: Grosse-Kunstleve RW, Sauter NK, Adams PD: Newsletter of the IUCr Commission on Crystallographic Computing 2004, 3, 22-31.
;
? 
S  ? ? 9.55732 6.39887 ? ? 1.23737  29.19336 ? ? 0.0 
;2-Gaussian fit: Grosse-Kunstleve RW, Sauter NK, Adams PD: Newsletter of the IUCr Commission on Crystallographic Computing 2004, 3, 22-31.
;
? 
SE ? ? ?       ?       ? ? ?        ?        ? ? ?   ? ? 
# 
loop_
_atom_site.group_PDB 
_atom_site.id 
_atom_site.type_symbol 
_atom_site.label_atom_id 
_atom_site.label_alt_id 
_atom_site.label_comp_id 
_atom_site.label_asym_id 
_atom_site.label_entity_id 
_atom_site.label_seq_id 
_atom_site.pdbx_PDB_ins_code 
_atom_site.Cartn_x 
_atom_site.Cartn_y 
_atom_site.Cartn_z 
_atom_site.occupancy 
_atom_site.B_iso_or_equiv 
_atom_site.pdbx_formal_charge 
_atom_site.auth_seq_id 
_atom_site.auth_comp_id 
_atom_site.auth_asym_id 
_atom_site.auth_atom_id 
_atom_site.pdbx_PDB_model_num 
ATOM   1   N  N   . ASN A 1 1  ? 12.60255  -22.21842 20.70341  1.000 44.58040 ? 2   ASN A N   1 
ATOM   2   C  CA  . ASN A 1 1  ? 11.92624  -21.41688 21.72379  1.000 40.68289 ? 2   ASN A CA  1 
ATOM   3   C  C   . ASN A 1 1  ? 11.41911  -20.07107 21.17079  1.000 42.76924 ? 2   ASN A C   1 
ATOM   4   O  O   . ASN A 1 1  ? 10.39797  -19.56679 21.63738  1.000 44.27092 ? 2   ASN A O   1 
ATOM   5   C  CB  . ASN A 1 1  ? 12.85054  -21.19569 22.92935  1.000 40.75567 ? 2   ASN A CB  1 
ATOM   6   C  CG  . ASN A 1 1  ? 12.41343  -21.98531 24.15531  1.000 49.24129 ? 2   ASN A CG  1 
ATOM   7   O  OD1 . ASN A 1 1  ? 11.57472  -21.51893 24.93454  1.000 52.94872 ? 2   ASN A OD1 1 
ATOM   8   N  ND2 . ASN A 1 1  ? 12.97148  -23.18492 24.33266  1.000 48.25452 ? 2   ASN A ND2 1 
ATOM   9   N  N   . GLU A 1 2  ? 12.11410  -19.50166 20.17632  1.000 44.43581 ? 3   GLU A N   1 
ATOM   10  C  CA  . GLU A 1 2  ? 11.62834  -18.29712 19.49900  1.000 41.95220 ? 3   GLU A CA  1 
ATOM   11  C  C   . GLU A 1 2  ? 10.39033  -18.62617 18.66652  1.000 39.41587 ? 3   GLU A C   1 
ATOM   12  O  O   . GLU A 1 2  ? 10.41590  -19.55216 17.84951  1.000 39.74606 ? 3   GLU A O   1 
ATOM   13  C  CB  . GLU A 1 2  ? 12.72481  -17.70233 18.60186  1.000 40.59202 ? 3   GLU A CB  1 
ATOM   14  C  CG  . GLU A 1 2  ? 12.35532  -16.34536 17.98779  1.000 38.15532 ? 3   GLU A CG  1 
ATOM   15  C  CD  . GLU A 1 2  ? 13.30627  -15.88493 16.86021  1.000 41.09655 ? 3   GLU A CD  1 
ATOM   16  O  OE1 . GLU A 1 2  ? 14.31852  -16.57564 16.56584  1.000 38.36220 ? 3   GLU A OE1 1 
ATOM   17  O  OE2 . GLU A 1 2  ? 13.02561  -14.81411 16.26195  1.000 39.65230 ? 3   GLU A OE2 1 
ATOM   18  N  N   . THR A 1 3  ? 9.30701   -17.87281 18.85801  1.000 35.62823 ? 4   THR A N   1 
ATOM   19  C  CA  . THR A 1 3  ? 8.07669   -18.23592 18.16449  1.000 38.80162 ? 4   THR A CA  1 
ATOM   20  C  C   . THR A 1 3  ? 8.22083   -18.03704 16.65661  1.000 39.54237 ? 4   THR A C   1 
ATOM   21  O  O   . THR A 1 3  ? 8.94627   -17.16183 16.17845  1.000 39.71134 ? 4   THR A O   1 
ATOM   22  C  CB  . THR A 1 3  ? 6.86386   -17.44956 18.68731  1.000 37.20908 ? 4   THR A CB  1 
ATOM   23  O  OG1 . THR A 1 3  ? 6.99128   -16.05980 18.36648  1.000 39.21202 ? 4   THR A OG1 1 
ATOM   24  C  CG2 . THR A 1 3  ? 6.69069   -17.62644 20.18877  1.000 35.93215 ? 4   THR A CG2 1 
ATOM   25  N  N   . ASP A 1 4  ? 7.53847   -18.89207 15.89984  1.000 40.85936 ? 5   ASP A N   1 
ATOM   26  C  CA  . ASP A 1 4  ? 7.52981   -18.72571 14.45736  1.000 41.59406 ? 5   ASP A CA  1 
ATOM   27  C  C   . ASP A 1 4  ? 6.85288   -17.43324 14.05885  1.000 36.20738 ? 5   ASP A C   1 
ATOM   28  O  O   . ASP A 1 4  ? 7.12618   -16.93129 12.96979  1.000 36.87586 ? 5   ASP A O   1 
ATOM   29  C  CB  . ASP A 1 4  ? 6.84602   -19.92541 13.79242  1.000 47.56973 ? 5   ASP A CB  1 
ATOM   30  C  CG  . ASP A 1 4  ? 7.66424   -21.20712 13.92429  1.000 55.30227 ? 5   ASP A CG  1 
ATOM   31  O  OD1 . ASP A 1 4  ? 7.07021   -22.25627 14.27360  1.000 58.01705 ? 5   ASP A OD1 1 
ATOM   32  O  OD2 . ASP A 1 4  ? 8.90018   -21.16208 13.68175  1.000 55.64023 ? 5   ASP A OD2 1 
ATOM   33  N  N   . ALA A 1 5  ? 5.98738   -16.89554 14.92777  1.000 35.42097 ? 6   ALA A N   1 
ATOM   34  C  CA  . ALA A 1 5  ? 5.35977   -15.59858 14.69994  1.000 34.67198 ? 6   ALA A CA  1 
ATOM   35  C  C   . ALA A 1 5  ? 6.38939   -14.46619 14.72932  1.000 37.05656 ? 6   ALA A C   1 
ATOM   36  O  O   . ALA A 1 5  ? 6.41294   -13.60756 13.83485  1.000 36.33598 ? 6   ALA A O   1 
ATOM   37  C  CB  . ALA A 1 5  ? 4.27039   -15.36683 15.74758  1.000 31.37034 ? 6   ALA A CB  1 
ATOM   38  N  N   . LEU A 1 6  ? 7.24887   -14.44221 15.75143  1.000 34.61109 ? 7   LEU A N   1 
ATOM   39  C  CA  . LEU A 1 6  ? 8.31475   -13.44727 15.77552  1.000 33.25470 ? 7   LEU A CA  1 
ATOM   40  C  C   . LEU A 1 6  ? 9.28796   -13.66283 14.62352  1.000 33.19279 ? 7   LEU A C   1 
ATOM   41  O  O   . LEU A 1 6  ? 9.68988   -12.70255 13.95485  1.000 31.97743 ? 7   LEU A O   1 
ATOM   42  C  CB  . LEU A 1 6  ? 9.04511   -13.49677 17.11344  1.000 33.66662 ? 7   LEU A CB  1 
ATOM   43  C  CG  . LEU A 1 6  ? 10.15866  -12.46675 17.25258  1.000 32.70469 ? 7   LEU A CG  1 
ATOM   44  C  CD1 . LEU A 1 6  ? 9.59431   -11.06865 17.03430  1.000 29.97987 ? 7   LEU A CD1 1 
ATOM   45  C  CD2 . LEU A 1 6  ? 10.82531  -12.59108 18.60691  1.000 31.07021 ? 7   LEU A CD2 1 
ATOM   46  N  N   . LYS A 1 7  ? 9.67302   -14.92002 14.37775  1.000 34.97923 ? 8   LYS A N   1 
ATOM   47  C  CA  . LYS A 1 7  ? 10.55336  -15.24647 13.25780  1.000 34.48277 ? 8   LYS A CA  1 
ATOM   48  C  C   . LYS A 1 7  ? 9.96593   -14.76203 11.93365  1.000 35.35143 ? 8   LYS A C   1 
ATOM   49  O  O   . LYS A 1 7  ? 10.65388  -14.11728 11.13141  1.000 33.89625 ? 8   LYS A O   1 
ATOM   50  C  CB  . LYS A 1 7  ? 10.79329  -16.75607 13.22778  1.000 35.96147 ? 8   LYS A CB  1 
ATOM   51  C  CG  . LYS A 1 7  ? 12.16905  -17.18833 12.77063  1.000 40.79814 ? 8   LYS A CG  1 
ATOM   52  C  CD  . LYS A 1 7  ? 12.44704  -18.66939 13.09834  1.000 41.22445 ? 8   LYS A CD  1 
ATOM   53  C  CE  . LYS A 1 7  ? 12.37987  -18.91219 14.60131  1.000 44.16830 ? 8   LYS A CE  1 
ATOM   54  N  NZ  . LYS A 1 7  ? 13.23505  -20.04698 15.04860  1.000 47.50124 ? 8   LYS A NZ  1 
ATOM   55  N  N   . ASP A 1 8  ? 8.68443   -15.06358 11.69045  1.000 36.66568 ? 9   ASP A N   1 
ATOM   56  C  CA  . ASP A 1 8  ? 8.04029   -14.63935 10.44984  1.000 37.72766 ? 9   ASP A CA  1 
ATOM   57  C  C   . ASP A 1 8  ? 7.97897   -13.12080 10.35729  1.000 34.59361 ? 9   ASP A C   1 
ATOM   58  O  O   . ASP A 1 8  ? 8.21470   -12.54896 9.28729   1.000 34.39404 ? 9   ASP A O   1 
ATOM   59  C  CB  . ASP A 1 8  ? 6.63233   -15.24072 10.34613  1.000 39.59710 ? 9   ASP A CB  1 
ATOM   60  C  CG  . ASP A 1 8  ? 5.97213   -14.98620 8.97570   1.000 49.48946 ? 9   ASP A CG  1 
ATOM   61  O  OD1 . ASP A 1 8  ? 6.46612   -15.53042 7.94790   1.000 53.40756 ? 9   ASP A OD1 1 
ATOM   62  O  OD2 . ASP A 1 8  ? 4.94691   -14.25684 8.92871   1.000 49.30542 ? 9   ASP A OD2 1 
ATOM   63  N  N   . ARG A 1 9  ? 7.65740   -12.45044 11.46729  1.000 32.60124 ? 10  ARG A N   1 
ATOM   64  C  CA  . ARG A 1 9  ? 7.64136   -10.99284 11.45916  1.000 31.48377 ? 10  ARG A CA  1 
ATOM   65  C  C   . ARG A 1 9  ? 8.98834   -10.44649 11.00839  1.000 31.42269 ? 10  ARG A C   1 
ATOM   66  O  O   . ARG A 1 9  ? 9.06089   -9.63578  10.07736  1.000 30.33444 ? 10  ARG A O   1 
ATOM   67  C  CB  . ARG A 1 9  ? 7.27409   -10.46298 12.84119  1.000 30.53842 ? 10  ARG A CB  1 
ATOM   68  C  CG  . ARG A 1 9  ? 7.05557   -8.98302  12.86022  1.000 32.27544 ? 10  ARG A CG  1 
ATOM   69  C  CD  . ARG A 1 9  ? 6.33142   -8.55346  14.10660  1.000 34.97231 ? 10  ARG A CD  1 
ATOM   70  N  NE  . ARG A 1 9  ? 6.51995   -7.12484  14.31553  1.000 43.90058 ? 10  ARG A NE  1 
ATOM   71  C  CZ  . ARG A 1 9  ? 6.55555   -6.53764  15.50832  1.000 45.08844 ? 10  ARG A CZ  1 
ATOM   72  N  NH1 . ARG A 1 9  ? 6.40275   -7.27144  16.61342  1.000 43.99409 ? 10  ARG A NH1 1 
ATOM   73  N  NH2 . ARG A 1 9  ? 6.74286   -5.21728  15.59326  1.000 41.99710 ? 10  ARG A NH2 1 
ATOM   74  N  N   . ILE A 1 10 ? 10.07188  -10.92415 11.63520  1.000 30.22919 ? 11  ILE A N   1 
ATOM   75  C  CA  . ILE A 1 10 ? 11.41692  -10.47257 11.29962  1.000 27.96951 ? 11  ILE A CA  1 
ATOM   76  C  C   . ILE A 1 10 ? 11.74163  -10.77737 9.84067   1.000 30.52974 ? 11  ILE A C   1 
ATOM   77  O  O   . ILE A 1 10 ? 12.32251  -9.94438  9.13321   1.000 30.79997 ? 11  ILE A O   1 
ATOM   78  C  CB  . ILE A 1 10 ? 12.43744  -11.11422 12.25334  1.000 27.30599 ? 11  ILE A CB  1 
ATOM   79  C  CG1 . ILE A 1 10 ? 12.33033  -10.50376 13.65092  1.000 28.63575 ? 11  ILE A CG1 1 
ATOM   80  C  CG2 . ILE A 1 10 ? 13.83539  -10.93483 11.70918  1.000 28.95603 ? 11  ILE A CG2 1 
ATOM   81  C  CD1 . ILE A 1 10 ? 13.14245  -11.25562 14.72671  1.000 26.58111 ? 11  ILE A CD1 1 
ATOM   82  N  N   . GLU A 1 11 ? 11.37243  -11.97224 9.36491   1.000 32.46430 ? 12  GLU A N   1 
ATOM   83  C  CA  . GLU A 1 11 ? 11.64190  -12.35311 7.97774   1.000 34.89085 ? 12  GLU A CA  1 
ATOM   84  C  C   . GLU A 1 11 ? 10.89779  -11.48195 6.96592   1.000 32.49150 ? 12  GLU A C   1 
ATOM   85  O  O   . GLU A 1 11 ? 11.32914  -11.37577 5.81090   1.000 30.80958 ? 12  GLU A O   1 
ATOM   86  C  CB  . GLU A 1 11 ? 11.28070  -13.83069 7.74988   1.000 36.13932 ? 12  GLU A CB  1 
ATOM   87  C  CG  . GLU A 1 11 ? 12.27473  -14.81893 8.37398   1.000 43.04217 ? 12  GLU A CG  1 
ATOM   88  C  CD  . GLU A 1 11 ? 11.75606  -16.27135 8.46562   1.000 47.29015 ? 12  GLU A CD  1 
ATOM   89  O  OE1 . GLU A 1 11 ? 10.64153  -16.56925 7.96202   1.000 47.71950 ? 12  GLU A OE1 1 
ATOM   90  O  OE2 . GLU A 1 11 ? 12.48293  -17.11239 9.05522   1.000 48.78308 ? 12  GLU A OE2 1 
ATOM   91  N  N   . ASN A 1 12 ? 9.80203   -10.84489 7.35461   1.000 30.97837 ? 13  ASN A N   1 
ATOM   92  C  CA  . ASN A 1 12 ? 9.04335   -10.09815 6.37030   1.000 34.28016 ? 13  ASN A CA  1 
ATOM   93  C  C   . ASN A 1 12 ? 9.23227   -8.59493  6.47726   1.000 33.10687 ? 13  ASN A C   1 
ATOM   94  O  O   . ASN A 1 12 ? 8.60252   -7.84843  5.71929   1.000 33.43811 ? 13  ASN A O   1 
ATOM   95  C  CB  . ASN A 1 12 ? 7.57174   -10.48935 6.45283   1.000 33.75941 ? 13  ASN A CB  1 
ATOM   96  C  CG  . ASN A 1 12 ? 7.31506   -11.78948 5.73326   1.000 37.73392 ? 13  ASN A CG  1 
ATOM   97  O  OD1 . ASN A 1 12 ? 7.38552   -11.84761 4.50490   1.000 38.39227 ? 13  ASN A OD1 1 
ATOM   98  N  ND2 . ASN A 1 12 ? 7.08236   -12.85705 6.49041   1.000 39.06842 ? 13  ASN A ND2 1 
ATOM   99  N  N   . ILE A 1 13 ? 10.12653  -8.13317  7.35103   1.000 32.21432 ? 14  ILE A N   1 
ATOM   100 C  CA  . ILE A 1 13 ? 10.34334  -6.69576  7.47064   1.000 32.66888 ? 14  ILE A CA  1 
ATOM   101 C  C   . ILE A 1 13 ? 10.83583  -6.12727  6.14776   1.000 33.53380 ? 14  ILE A C   1 
ATOM   102 O  O   . ILE A 1 13 ? 10.26827  -5.15886  5.62428   1.000 33.15043 ? 14  ILE A O   1 
ATOM   103 C  CB  . ILE A 1 13 ? 11.30955  -6.37976  8.62610   1.000 31.47864 ? 14  ILE A CB  1 
ATOM   104 C  CG1 . ILE A 1 13 ? 10.60652  -6.59502  9.95768   1.000 31.52697 ? 14  ILE A CG1 1 
ATOM   105 C  CG2 . ILE A 1 13 ? 11.77657  -4.92344  8.55714   1.000 31.99415 ? 14  ILE A CG2 1 
ATOM   106 C  CD1 . ILE A 1 13 ? 11.52672  -6.54955  11.13125  1.000 32.73414 ? 14  ILE A CD1 1 
ATOM   107 N  N   . ARG A 1 14 ? 11.88101  -6.73661  5.56966   1.000 31.66439 ? 15  ARG A N   1 
ATOM   108 C  CA  . ARG A 1 14 ? 12.46354  -6.19563  4.34369   1.000 33.08868 ? 15  ARG A CA  1 
ATOM   109 C  C   . ARG A 1 14 ? 11.54637  -6.42616  3.14287   1.000 34.27353 ? 15  ARG A C   1 
ATOM   110 O  O   . ARG A 1 14 ? 11.39543  -5.51997  2.30860   1.000 33.97021 ? 15  ARG A O   1 
ATOM   111 C  CB  . ARG A 1 14 ? 13.85813  -6.78045  4.08745   1.000 36.20819 ? 15  ARG A CB  1 
ATOM   112 C  CG  . ARG A 1 14 ? 14.97216  -6.13004  4.92733   1.000 41.00025 ? 15  ARG A CG  1 
ATOM   113 C  CD  . ARG A 1 14 ? 16.37181  -6.51152  4.43259   1.000 41.98202 ? 15  ARG A CD  1 
ATOM   114 N  NE  . ARG A 1 14 ? 16.92643  -5.42712  3.62389   1.000 52.02127 ? 15  ARG A NE  1 
ATOM   115 C  CZ  . ARG A 1 14 ? 18.13871  -4.89642  3.78143   1.000 53.58446 ? 15  ARG A CZ  1 
ATOM   116 N  NH1 . ARG A 1 14 ? 18.95943  -5.36200  4.72074   1.000 48.26715 ? 15  ARG A NH1 1 
ATOM   117 N  NH2 . ARG A 1 14 ? 18.53337  -3.89329  2.99392   1.000 54.46666 ? 15  ARG A NH2 1 
ATOM   118 N  N   . PRO A 1 15 ? 10.92566  -7.60445  2.99728   1.000 33.06143 ? 16  PRO A N   1 
ATOM   119 C  CA  . PRO A 1 15 ? 9.92529   -7.74659  1.92714   1.000 32.60577 ? 16  PRO A CA  1 
ATOM   120 C  C   . PRO A 1 15 ? 8.83494   -6.68852  1.97076   1.000 31.52543 ? 16  PRO A C   1 
ATOM   121 O  O   . PRO A 1 15 ? 8.44549   -6.17152  0.91818   1.000 30.89555 ? 16  PRO A O   1 
ATOM   122 C  CB  . PRO A 1 15 ? 9.36480   -9.15177  2.17410   1.000 33.12557 ? 16  PRO A CB  1 
ATOM   123 C  CG  . PRO A 1 15 ? 10.52069  -9.89748  2.75925   1.000 30.41550 ? 16  PRO A CG  1 
ATOM   124 C  CD  . PRO A 1 15 ? 11.21199  -8.90388  3.64254   1.000 31.69309 ? 16  PRO A CD  1 
ATOM   125 N  N   . ARG A 1 16 ? 8.33748   -6.34983  3.16322   1.000 31.57963 ? 17  ARG A N   1 
ATOM   126 C  CA  . ARG A 1 16 ? 7.25406   -5.37623  3.27164   1.000 32.99377 ? 17  ARG A CA  1 
ATOM   127 C  C   . ARG A 1 16 ? 7.71802   -3.96160  2.92643   1.000 31.97183 ? 17  ARG A C   1 
ATOM   128 O  O   . ARG A 1 16 ? 6.95411   -3.18468  2.33705   1.000 30.84617 ? 17  ARG A O   1 
ATOM   129 C  CB  . ARG A 1 16 ? 6.65140   -5.43246  4.67635   1.000 31.58569 ? 17  ARG A CB  1 
ATOM   130 C  CG  . ARG A 1 16 ? 5.85109   -6.70081  4.91836   1.000 35.91641 ? 17  ARG A CG  1 
ATOM   131 C  CD  . ARG A 1 16 ? 5.41704   -6.82707  6.35058   1.000 38.56177 ? 17  ARG A CD  1 
ATOM   132 N  NE  . ARG A 1 16 ? 4.43588   -5.80269  6.67772   1.000 45.14075 ? 17  ARG A NE  1 
ATOM   133 C  CZ  . ARG A 1 16 ? 3.11917   -6.00839  6.70756   1.000 50.95639 ? 17  ARG A CZ  1 
ATOM   134 N  NH1 . ARG A 1 16 ? 2.62032   -7.21742  6.43709   1.000 48.26088 ? 17  ARG A NH1 1 
ATOM   135 N  NH2 . ARG A 1 16 ? 2.30007   -5.00222  7.01640   1.000 48.41399 ? 17  ARG A NH2 1 
HETATM 136 N  N   . MSE A 1 17 ? 8.95553   -3.61292  3.26326   1.000 32.40048 ? 18  MSE A N   1 
HETATM 137 C  CA  . MSE A 1 17 ? 9.51714   -2.33384  2.85748   1.000 30.04864 ? 18  MSE A CA  1 
HETATM 138 C  C   . MSE A 1 17 ? 9.57237   -2.22443  1.34161   1.000 32.23817 ? 18  MSE A C   1 
HETATM 139 O  O   . MSE A 1 17 ? 9.34559   -1.15201  0.77796   1.000 32.72022 ? 18  MSE A O   1 
HETATM 140 C  CB  . MSE A 1 17 ? 10.91888  -2.14377  3.44096   1.000 29.88530 ? 18  MSE A CB  1 
HETATM 141 C  CG  . MSE A 1 17 ? 10.95063  -1.97029  4.94453   1.000 34.00213 ? 18  MSE A CG  1 
HETATM 142 SE SE  . MSE A 1 17 ? 12.74541  -2.01821  5.71808   0.392 32.97682 ? 18  MSE A SE  1 
HETATM 143 C  CE  . MSE A 1 17 ? 13.78713  -1.08156  4.37865   1.000 30.63883 ? 18  MSE A CE  1 
ATOM   144 N  N   . THR A 1 18 ? 9.90610   -3.33532  0.67773   1.000 32.65974 ? 19  THR A N   1 
ATOM   145 C  CA  . THR A 1 18 ? 9.92867   -3.32967  -0.78409  1.000 32.86468 ? 19  THR A CA  1 
ATOM   146 C  C   . THR A 1 18 ? 8.52581   -3.15403  -1.36299  1.000 30.62182 ? 19  THR A C   1 
ATOM   147 O  O   . THR A 1 18 ? 8.33702   -2.40284  -2.32803  1.000 30.06988 ? 19  THR A O   1 
ATOM   148 C  CB  . THR A 1 18 ? 10.57599  -4.61472  -1.29801  1.000 32.30138 ? 19  THR A CB  1 
ATOM   149 O  OG1 . THR A 1 18 ? 11.88378  -4.73428  -0.72658  1.000 32.97709 ? 19  THR A OG1 1 
ATOM   150 C  CG2 . THR A 1 18 ? 10.67750  -4.61151  -2.83108  1.000 28.23834 ? 19  THR A CG2 1 
ATOM   151 N  N   . LEU A 1 19 ? 7.53173   -3.83169  -0.77794  1.000 30.30914 ? 20  LEU A N   1 
ATOM   152 C  CA  . LEU A 1 19 ? 6.15029   -3.66448  -1.21885  1.000 30.96041 ? 20  LEU A CA  1 
ATOM   153 C  C   . LEU A 1 19 ? 5.66269   -2.25216  -0.95580  1.000 30.27566 ? 20  LEU A C   1 
ATOM   154 O  O   . LEU A 1 19 ? 4.99155   -1.65147  -1.80317  1.000 31.48005 ? 20  LEU A O   1 
ATOM   155 C  CB  . LEU A 1 19 ? 5.23467   -4.67065  -0.52315  1.000 28.55589 ? 20  LEU A CB  1 
ATOM   156 C  CG  . LEU A 1 19 ? 5.43222   -6.13476  -0.89176  1.000 29.95219 ? 20  LEU A CG  1 
ATOM   157 C  CD1 . LEU A 1 19 ? 4.52887   -6.97243  -0.03604  1.000 31.73487 ? 20  LEU A CD1 1 
ATOM   158 C  CD2 . LEU A 1 19 ? 5.16460   -6.39365  -2.34903  1.000 31.98079 ? 20  LEU A CD2 1 
ATOM   159 N  N   . ALA A 1 20 ? 5.98474   -1.70603  0.21468   1.000 30.83892 ? 21  ALA A N   1 
ATOM   160 C  CA  . ALA A 1 20 ? 5.62315   -0.32277  0.49066   1.000 32.31007 ? 21  ALA A CA  1 
ATOM   161 C  C   . ALA A 1 20 ? 6.15012   0.59584   -0.60053  1.000 34.48179 ? 21  ALA A C   1 
ATOM   162 O  O   . ALA A 1 20 ? 5.42760   1.46642   -1.09905  1.000 35.59104 ? 21  ALA A O   1 
ATOM   163 C  CB  . ALA A 1 20 ? 6.15797   0.09447   1.85909   1.000 31.85552 ? 21  ALA A CB  1 
ATOM   164 N  N   . ALA A 1 21 ? 7.40234   0.38988   -1.00972  1.000 33.43081 ? 22  ALA A N   1 
ATOM   165 C  CA  . ALA A 1 21 ? 7.98195   1.20777   -2.06460  1.000 30.42887 ? 22  ALA A CA  1 
ATOM   166 C  C   . ALA A 1 21 ? 7.26132   0.99352   -3.38745  1.000 32.60121 ? 22  ALA A C   1 
ATOM   167 O  O   . ALA A 1 21 ? 7.06069   1.94728   -4.15263  1.000 33.79989 ? 22  ALA A O   1 
ATOM   168 C  CB  . ALA A 1 21 ? 9.47008   0.89163   -2.19413  1.000 31.33799 ? 22  ALA A CB  1 
ATOM   169 N  N   . LYS A 1 22 ? 6.88263   -0.25710  -3.68545  1.000 31.99426 ? 23  LYS A N   1 
ATOM   170 C  CA  . LYS A 1 22 ? 6.13428   -0.53875  -4.91003  1.000 32.57113 ? 23  LYS A CA  1 
ATOM   171 C  C   . LYS A 1 22 ? 4.78652   0.16620   -4.89684  1.000 35.17737 ? 23  LYS A C   1 
ATOM   172 O  O   . LYS A 1 22 ? 4.30776   0.64173   -5.93626  1.000 33.66154 ? 23  LYS A O   1 
ATOM   173 C  CB  . LYS A 1 22 ? 5.92505   -2.04197  -5.07085  1.000 31.62552 ? 23  LYS A CB  1 
ATOM   174 C  CG  . LYS A 1 22 ? 7.18101   -2.85274  -5.30347  1.000 32.43268 ? 23  LYS A CG  1 
ATOM   175 C  CD  . LYS A 1 22 ? 7.98599   -2.31398  -6.45003  1.000 34.44115 ? 23  LYS A CD  1 
ATOM   176 C  CE  . LYS A 1 22 ? 9.11744   -3.26278  -6.78763  1.000 35.31214 ? 23  LYS A CE  1 
ATOM   177 N  NZ  . LYS A 1 22 ? 9.86510   -2.78002  -7.96891  1.000 41.05092 ? 23  LYS A NZ  1 
ATOM   178 N  N   . LEU A 1 23 ? 4.15543   0.22778   -3.71903  1.000 34.46345 ? 24  LEU A N   1 
ATOM   179 C  CA  . LEU A 1 23 ? 2.85429   0.86792   -3.59710  1.000 33.29807 ? 24  LEU A CA  1 
ATOM   180 C  C   . LEU A 1 23 ? 2.96487   2.37141   -3.82985  1.000 32.61265 ? 24  LEU A C   1 
ATOM   181 O  O   . LEU A 1 23 ? 2.11656   2.95929   -4.50974  1.000 34.43329 ? 24  LEU A O   1 
ATOM   182 C  CB  . LEU A 1 23 ? 2.25505   0.54653   -2.22569  1.000 30.85229 ? 24  LEU A CB  1 
ATOM   183 C  CG  . LEU A 1 23 ? 0.85249   1.08602   -1.93049  1.000 33.80593 ? 24  LEU A CG  1 
ATOM   184 C  CD1 . LEU A 1 23 ? -0.12525  0.71612   -3.05165  1.000 31.84443 ? 24  LEU A CD1 1 
ATOM   185 C  CD2 . LEU A 1 23 ? 0.36487   0.59872   -0.55503  1.000 32.60401 ? 24  LEU A CD2 1 
ATOM   186 N  N   . ARG A 1 24 ? 4.01575   3.00771   -3.30361  1.000 31.44410 ? 25  ARG A N   1 
ATOM   187 C  CA  . ARG A 1 24 ? 4.23690   4.42359   -3.58998  1.000 32.58116 ? 25  ARG A CA  1 
ATOM   188 C  C   . ARG A 1 24 ? 4.41364   4.67183   -5.08470  1.000 34.64975 ? 25  ARG A C   1 
ATOM   189 O  O   . ARG A 1 24 ? 3.93648   5.68376   -5.61541  1.000 35.31260 ? 25  ARG A O   1 
ATOM   190 C  CB  . ARG A 1 24 ? 5.45308   4.92575   -2.82628  1.000 33.71469 ? 25  ARG A CB  1 
ATOM   191 C  CG  . ARG A 1 24 ? 5.26260   4.85529   -1.35328  1.000 38.58208 ? 25  ARG A CG  1 
ATOM   192 C  CD  . ARG A 1 24 ? 6.51401   5.20217   -0.59418  1.000 42.17418 ? 25  ARG A CD  1 
ATOM   193 N  NE  . ARG A 1 24 ? 6.27370   4.93159   0.81903   1.000 49.13147 ? 25  ARG A NE  1 
ATOM   194 C  CZ  . ARG A 1 24 ? 6.99579   4.10999   1.56779   1.000 47.00704 ? 25  ARG A CZ  1 
ATOM   195 N  NH1 . ARG A 1 24 ? 8.04445   3.48696   1.03776   1.000 46.02298 ? 25  ARG A NH1 1 
ATOM   196 N  NH2 . ARG A 1 24 ? 6.67384   3.92999   2.84806   1.000 46.46052 ? 25  ARG A NH2 1 
ATOM   197 N  N   . GLU A 1 25 ? 5.08972   3.75644   -5.78416  1.000 33.06467 ? 26  GLU A N   1 
ATOM   198 C  CA  . GLU A 1 25 ? 5.29309   3.93584   -7.21575  1.000 31.89249 ? 26  GLU A CA  1 
ATOM   199 C  C   . GLU A 1 25 ? 3.99110   3.84074   -7.98034  1.000 32.09725 ? 26  GLU A C   1 
ATOM   200 O  O   . GLU A 1 25 ? 3.89996   4.36515   -9.08855  1.000 36.23073 ? 26  GLU A O   1 
ATOM   201 C  CB  . GLU A 1 25 ? 6.26494   2.89253   -7.75695  1.000 36.88241 ? 26  GLU A CB  1 
ATOM   202 C  CG  . GLU A 1 25 ? 7.61393   2.87707   -7.06454  1.000 40.88384 ? 26  GLU A CG  1 
ATOM   203 C  CD  . GLU A 1 25 ? 8.48558   1.72447   -7.51904  1.000 44.75457 ? 26  GLU A CD  1 
ATOM   204 O  OE1 . GLU A 1 25 ? 8.03796   0.93246   -8.39238  1.000 42.84839 ? 26  GLU A OE1 1 
ATOM   205 O  OE2 . GLU A 1 25 ? 9.60447   1.59840   -6.97225  1.000 47.10640 ? 26  GLU A OE2 1 
ATOM   206 N  N   . LEU A 1 26 ? 2.99547   3.14067   -7.43371  1.000 32.43463 ? 27  LEU A N   1 
ATOM   207 C  CA  . LEU A 1 26 ? 1.69883   2.99255   -8.07995  1.000 31.55221 ? 27  LEU A CA  1 
ATOM   208 C  C   . LEU A 1 26 ? 0.79782   4.19538   -7.86644  1.000 30.78984 ? 27  LEU A C   1 
ATOM   209 O  O   . LEU A 1 26 ? -0.23224  4.31761   -8.54047  1.000 30.66944 ? 27  LEU A O   1 
ATOM   210 C  CB  . LEU A 1 26 ? 0.97784   1.75324   -7.55081  1.000 31.49309 ? 27  LEU A CB  1 
ATOM   211 C  CG  . LEU A 1 26 ? 1.33812   0.36437   -8.06255  1.000 35.01215 ? 27  LEU A CG  1 
ATOM   212 C  CD1 . LEU A 1 26 ? 0.82545   -0.66041  -7.07909  1.000 34.59002 ? 27  LEU A CD1 1 
ATOM   213 C  CD2 . LEU A 1 26 ? 0.74718   0.11750   -9.44920  1.000 34.81780 ? 27  LEU A CD2 1 
HETATM 214 N  N   . MSE A 1 27 ? 1.14317   5.07668   -6.94250  1.000 30.81647 ? 28  MSE A N   1 
HETATM 215 C  CA  . MSE A 1 27 ? 0.20797   6.12500   -6.54644  1.000 32.57191 ? 28  MSE A CA  1 
HETATM 216 C  C   . MSE A 1 27 ? -0.19350  7.11390   -7.66310  1.000 30.36406 ? 28  MSE A C   1 
HETATM 217 O  O   . MSE A 1 27 ? -1.35568  7.48405   -7.72020  1.000 27.71307 ? 28  MSE A O   1 
HETATM 218 C  CB  . MSE A 1 27 ? 0.76526   6.86942   -5.32610  1.000 32.00770 ? 28  MSE A CB  1 
HETATM 219 C  CG  . MSE A 1 27 ? 0.63862   6.03620   -4.05436  1.000 31.36128 ? 28  MSE A CG  1 
HETATM 220 SE SE  . MSE A 1 27 ? -1.22890  5.70975   -3.61839  0.559 39.85472 ? 28  MSE A SE  1 
HETATM 221 C  CE  . MSE A 1 27 ? -1.14313  3.97024   -2.80445  1.000 32.60901 ? 28  MSE A CE  1 
ATOM   222 N  N   . PRO A 1 28 ? 0.73385   7.53517   -8.54373  1.000 31.21134 ? 29  PRO A N   1 
ATOM   223 C  CA  . PRO A 1 28 ? 0.30189   8.39151   -9.66341  1.000 30.82259 ? 29  PRO A CA  1 
ATOM   224 C  C   . PRO A 1 28 ? -0.83542  7.78417   -10.48654 1.000 30.01521 ? 29  PRO A C   1 
ATOM   225 O  O   . PRO A 1 28 ? -1.82866  8.46572   -10.76681 1.000 29.91080 ? 29  PRO A O   1 
ATOM   226 C  CB  . PRO A 1 28 ? 1.59995   8.57300   -10.47283 1.000 27.98380 ? 29  PRO A CB  1 
ATOM   227 C  CG  . PRO A 1 28 ? 2.66891   8.45612   -9.48485  1.000 27.92146 ? 29  PRO A CG  1 
ATOM   228 C  CD  . PRO A 1 28 ? 2.20717   7.40277   -8.52482  1.000 31.01507 ? 29  PRO A CD  1 
ATOM   229 N  N   . GLU A 1 29 ? -0.74081  6.51002   -10.85978 1.000 28.75711 ? 30  GLU A N   1 
ATOM   230 C  CA  . GLU A 1 29 ? -1.81664  5.93103   -11.65167 1.000 30.01018 ? 30  GLU A CA  1 
ATOM   231 C  C   . GLU A 1 29 ? -3.05803  5.69678   -10.79646 1.000 32.94981 ? 30  GLU A C   1 
ATOM   232 O  O   . GLU A 1 29 ? -4.18993  5.88456   -11.27081 1.000 33.48543 ? 30  GLU A O   1 
ATOM   233 C  CB  . GLU A 1 29 ? -1.34254  4.63480   -12.32086 1.000 32.73774 ? 30  GLU A CB  1 
ATOM   234 C  CG  . GLU A 1 29 ? -2.42180  3.87383   -13.09400 1.000 33.84401 ? 30  GLU A CG  1 
ATOM   235 C  CD  . GLU A 1 29 ? -2.84889  4.57209   -14.38411 1.000 40.46730 ? 30  GLU A CD  1 
ATOM   236 O  OE1 . GLU A 1 29 ? -2.15509  5.52028   -14.81448 1.000 42.64677 ? 30  GLU A OE1 1 
ATOM   237 O  OE2 . GLU A 1 29 ? -3.87995  4.16767   -14.97597 1.000 42.71337 ? 30  GLU A OE2 1 
ATOM   238 N  N   . ILE A 1 30 ? -2.87406  5.30569   -9.52991  1.000 28.54435 ? 31  ILE A N   1 
ATOM   239 C  CA  . ILE A 1 30 ? -4.02575  5.12877   -8.64356  1.000 30.39280 ? 31  ILE A CA  1 
ATOM   240 C  C   . ILE A 1 30 ? -4.79141  6.44461   -8.49899  1.000 31.03162 ? 31  ILE A C   1 
ATOM   241 O  O   . ILE A 1 30 ? -6.02350  6.48538   -8.60462  1.000 30.17764 ? 31  ILE A O   1 
ATOM   242 C  CB  . ILE A 1 30 ? -3.57596  4.58432   -7.27170  1.000 31.68100 ? 31  ILE A CB  1 
ATOM   243 C  CG1 . ILE A 1 30 ? -3.23433  3.08555   -7.36478  1.000 31.02570 ? 31  ILE A CG1 1 
ATOM   244 C  CG2 . ILE A 1 30 ? -4.64312  4.89327   -6.18077  1.000 27.60304 ? 31  ILE A CG2 1 
ATOM   245 C  CD1 . ILE A 1 30 ? -2.41001  2.54564   -6.17799  1.000 27.21128 ? 31  ILE A CD1 1 
ATOM   246 N  N   . ASP A 1 31 ? -4.06607  7.53989   -8.25536  1.000 30.36777 ? 32  ASP A N   1 
ATOM   247 C  CA  . ASP A 1 31 ? -4.69112  8.85130   -8.11031  1.000 30.10782 ? 32  ASP A CA  1 
ATOM   248 C  C   . ASP A 1 31 ? -5.48202  9.23079   -9.35847  1.000 32.25826 ? 32  ASP A C   1 
ATOM   249 O  O   . ASP A 1 31 ? -6.61541  9.71608   -9.25817  1.000 33.81383 ? 32  ASP A O   1 
ATOM   250 C  CB  . ASP A 1 31 ? -3.61684  9.89655   -7.80693  1.000 29.54788 ? 32  ASP A CB  1 
ATOM   251 C  CG  . ASP A 1 31 ? -4.18941  11.27347  -7.59790  1.000 34.78118 ? 32  ASP A CG  1 
ATOM   252 O  OD1 . ASP A 1 31 ? -5.18696  11.41100  -6.85545  1.000 34.10429 ? 32  ASP A OD1 1 
ATOM   253 O  OD2 . ASP A 1 31 ? -3.64897  12.22782  -8.19200  1.000 40.00580 ? 32  ASP A OD2 1 
ATOM   254 N  N   . ARG A 1 32 ? -4.91214  8.99263   -10.54297 1.000 29.72422 ? 33  ARG A N   1 
ATOM   255 C  CA  . ARG A 1 32 ? -5.61675  9.27696   -11.78829 1.000 30.42061 ? 33  ARG A CA  1 
ATOM   256 C  C   . ARG A 1 32 ? -6.94679  8.52352   -11.85997 1.000 32.31603 ? 33  ARG A C   1 
ATOM   257 O  O   . ARG A 1 32 ? -8.00607  9.12363   -12.08168 1.000 31.27801 ? 33  ARG A O   1 
ATOM   258 C  CB  . ARG A 1 32 ? -4.71050  8.91835   -12.96639 1.000 34.19041 ? 33  ARG A CB  1 
ATOM   259 C  CG  . ARG A 1 32 ? -5.16022  9.43890   -14.33088 1.000 41.28200 ? 33  ARG A CG  1 
ATOM   260 C  CD  . ARG A 1 32 ? -4.38113  8.78441   -15.50376 1.000 42.21318 ? 33  ARG A CD  1 
ATOM   261 N  NE  . ARG A 1 32 ? -4.68615  7.35731   -15.66240 1.000 45.87092 ? 33  ARG A NE  1 
ATOM   262 C  CZ  . ARG A 1 32 ? -5.82438  6.87211   -16.17164 1.000 48.83321 ? 33  ARG A CZ  1 
ATOM   263 N  NH1 . ARG A 1 32 ? -6.79377  7.69251   -16.58644 1.000 49.09995 ? 33  ARG A NH1 1 
ATOM   264 N  NH2 . ARG A 1 32 ? -6.00204  5.55554   -16.26110 1.000 46.22104 ? 33  ARG A NH2 1 
ATOM   265 N  N   . GLN A 1 33 ? -6.91764  7.20699   -11.63504 1.000 31.01031 ? 34  GLN A N   1 
ATOM   266 C  CA  . GLN A 1 33 ? -8.12724  6.40066   -11.78223 1.000 30.26739 ? 34  GLN A CA  1 
ATOM   267 C  C   . GLN A 1 33 ? -9.14734  6.72013   -10.70591 1.000 30.01020 ? 34  GLN A C   1 
ATOM   268 O  O   . GLN A 1 33 ? -10.35668 6.68589   -10.94785 1.000 30.02367 ? 34  GLN A O   1 
ATOM   269 C  CB  . GLN A 1 33 ? -7.77010  4.92175   -11.73330 1.000 32.13549 ? 34  GLN A CB  1 
ATOM   270 C  CG  . GLN A 1 33 ? -6.94701  4.48011   -12.92158 1.000 35.12332 ? 34  GLN A CG  1 
ATOM   271 C  CD  . GLN A 1 33 ? -7.07076  3.00166   -13.20341 1.000 34.93065 ? 34  GLN A CD  1 
ATOM   272 O  OE1 . GLN A 1 33 ? -7.93873  2.31845   -12.65559 1.000 35.35174 ? 34  GLN A OE1 1 
ATOM   273 N  NE2 . GLN A 1 33 ? -6.19789  2.49521   -14.07251 1.000 37.66912 ? 34  GLN A NE2 1 
ATOM   274 N  N   . VAL A 1 34 ? -8.67090  7.01455   -9.50237  1.000 31.11483 ? 35  VAL A N   1 
ATOM   275 C  CA  . VAL A 1 34 ? -9.55064  7.22667   -8.36750  1.000 30.66847 ? 35  VAL A CA  1 
ATOM   276 C  C   . VAL A 1 34 ? -10.28495 8.55408   -8.50145  1.000 31.77076 ? 35  VAL A C   1 
ATOM   277 O  O   . VAL A 1 34 ? -11.46586 8.65664   -8.14828  1.000 32.26962 ? 35  VAL A O   1 
ATOM   278 C  CB  . VAL A 1 34 ? -8.69222  7.10855   -7.09334  1.000 32.35344 ? 35  VAL A CB  1 
ATOM   279 C  CG1 . VAL A 1 34 ? -8.82285  8.30664   -6.16558  1.000 32.40682 ? 35  VAL A CG1 1 
ATOM   280 C  CG2 . VAL A 1 34 ? -8.96267  5.77818   -6.41547  1.000 31.53705 ? 35  VAL A CG2 1 
ATOM   281 N  N   . ARG A 1 35 ? -9.62818  9.57354   -9.05271  1.000 29.11405 ? 36  ARG A N   1 
ATOM   282 C  CA  . ARG A 1 35 ? -10.32631 10.82119  -9.31651  1.000 31.65227 ? 36  ARG A CA  1 
ATOM   283 C  C   . ARG A 1 35 ? -11.26896 10.70869  -10.50931 1.000 33.15281 ? 36  ARG A C   1 
ATOM   284 O  O   . ARG A 1 35 ? -12.17641 11.53615  -10.64944 1.000 33.44299 ? 36  ARG A O   1 
ATOM   285 C  CB  . ARG A 1 35 ? -9.32135  11.95273  -9.53026  1.000 32.13828 ? 36  ARG A CB  1 
ATOM   286 C  CG  . ARG A 1 35 ? -8.76767  12.50192  -8.21861  1.000 35.02356 ? 36  ARG A CG  1 
ATOM   287 C  CD  . ARG A 1 35 ? -7.95013  13.75833  -8.44515  1.000 40.22046 ? 36  ARG A CD  1 
ATOM   288 N  NE  . ARG A 1 35 ? -6.58067  13.44763  -8.85011  1.000 44.12418 ? 36  ARG A NE  1 
ATOM   289 C  CZ  . ARG A 1 35 ? -6.13174  13.52878  -10.10142 1.000 44.29339 ? 36  ARG A CZ  1 
ATOM   290 N  NH1 . ARG A 1 35 ? -6.94348  13.91374  -11.08078 1.000 49.02484 ? 36  ARG A NH1 1 
ATOM   291 N  NH2 . ARG A 1 35 ? -4.87145  13.22541  -10.37638 1.000 41.40099 ? 36  ARG A NH2 1 
ATOM   292 N  N   . ALA A 1 36 ? -11.07936 9.71332   -11.36752 1.000 31.19898 ? 37  ALA A N   1 
ATOM   293 C  CA  . ALA A 1 36 ? -11.99777 9.46897   -12.46564 1.000 28.79926 ? 37  ALA A CA  1 
ATOM   294 C  C   . ALA A 1 36 ? -13.21090 8.66082   -12.02298 1.000 34.16855 ? 37  ALA A C   1 
ATOM   295 O  O   . ALA A 1 36 ? -14.07702 8.35413   -12.84911 1.000 36.68741 ? 37  ALA A O   1 
ATOM   296 C  CB  . ALA A 1 36 ? -11.26406 8.75261   -13.60195 1.000 26.66576 ? 37  ALA A CB  1 
ATOM   297 N  N   . GLY A 1 37 ? -13.29176 8.29694   -10.74576 1.000 30.45751 ? 38  GLY A N   1 
ATOM   298 C  CA  . GLY A 1 37 ? -14.41971 7.55413   -10.23747 1.000 29.13136 ? 38  GLY A CA  1 
ATOM   299 C  C   . GLY A 1 37 ? -14.13473 6.12812   -9.80529  1.000 29.92959 ? 38  GLY A C   1 
ATOM   300 O  O   . GLY A 1 37 ? -15.06627 5.44768   -9.37048  1.000 31.64486 ? 38  GLY A O   1 
ATOM   301 N  N   . VAL A 1 38 ? -12.90471 5.63168   -9.90391  1.000 30.22025 ? 39  VAL A N   1 
ATOM   302 C  CA  . VAL A 1 38 ? -12.63232 4.30468   -9.36626  1.000 29.78687 ? 39  VAL A CA  1 
ATOM   303 C  C   . VAL A 1 38 ? -12.61383 4.39309   -7.84699  1.000 29.44346 ? 39  VAL A C   1 
ATOM   304 O  O   . VAL A 1 38 ? -12.00363 5.30552   -7.27474  1.000 29.73422 ? 39  VAL A O   1 
ATOM   305 C  CB  . VAL A 1 38 ? -11.31568 3.73956   -9.91999  1.000 31.53234 ? 39  VAL A CB  1 
ATOM   306 C  CG1 . VAL A 1 38 ? -11.05544 2.37602   -9.31524  1.000 31.54630 ? 39  VAL A CG1 1 
ATOM   307 C  CG2 . VAL A 1 38 ? -11.37484 3.62068   -11.43637 1.000 31.35724 ? 39  VAL A CG2 1 
ATOM   308 N  N   . GLN A 1 39 ? -13.30728 3.45985   -7.19038  1.000 29.94496 ? 40  GLN A N   1 
ATOM   309 C  CA  . GLN A 1 39 ? -13.46248 3.47629   -5.73939  1.000 29.85814 ? 40  GLN A CA  1 
ATOM   310 C  C   . GLN A 1 39 ? -12.17098 3.05536   -5.03849  1.000 27.67774 ? 40  GLN A C   1 
ATOM   311 O  O   . GLN A 1 39 ? -11.45569 2.16955   -5.51109  1.000 28.59946 ? 40  GLN A O   1 
ATOM   312 C  CB  . GLN A 1 39 ? -14.59277 2.53761   -5.34306  1.000 30.51580 ? 40  GLN A CB  1 
ATOM   313 C  CG  . GLN A 1 39 ? -15.94068 3.18929   -5.12072  1.000 35.46064 ? 40  GLN A CG  1 
ATOM   314 C  CD  . GLN A 1 39 ? -16.77276 2.36136   -4.15389  1.000 45.21871 ? 40  GLN A CD  1 
ATOM   315 O  OE1 . GLN A 1 39 ? -16.78575 2.61808   -2.93949  1.000 45.98634 ? 40  GLN A OE1 1 
ATOM   316 N  NE2 . GLN A 1 39 ? -17.43405 1.32614   -4.67784  1.000 42.58445 ? 40  GLN A NE2 1 
ATOM   317 N  N   . HIS A 1 40 ? -11.86694 3.69227   -3.90023  1.000 28.01145 ? 41  HIS A N   1 
ATOM   318 C  CA  . HIS A 1 40 ? -10.71121 3.26145   -3.10551  1.000 28.40913 ? 41  HIS A CA  1 
ATOM   319 C  C   . HIS A 1 40 ? -10.82814 1.79003   -2.72781  1.000 26.69731 ? 41  HIS A C   1 
ATOM   320 O  O   . HIS A 1 40 ? -9.85914  1.03206   -2.83554  1.000 23.49161 ? 41  HIS A O   1 
ATOM   321 C  CB  . HIS A 1 40 ? -10.56966 4.10356   -1.83660  1.000 24.87393 ? 41  HIS A CB  1 
ATOM   322 C  CG  . HIS A 1 40 ? -10.21916 5.52799   -2.09440  1.000 26.38783 ? 41  HIS A CG  1 
ATOM   323 N  ND1 . HIS A 1 40 ? -10.00379 6.43312   -1.08038  1.000 25.61068 ? 41  HIS A ND1 1 
ATOM   324 C  CD2 . HIS A 1 40 ? -10.06875 6.21115   -3.25417  1.000 26.31137 ? 41  HIS A CD2 1 
ATOM   325 C  CE1 . HIS A 1 40 ? -9.72319  7.61343   -1.60610  1.000 26.89679 ? 41  HIS A CE1 1 
ATOM   326 N  NE2 . HIS A 1 40 ? -9.75297  7.50413   -2.92362  1.000 25.86399 ? 41  HIS A NE2 1 
ATOM   327 N  N   . ASP A 1 41 ? -12.01828 1.37946   -2.27869  1.000 24.45433 ? 42  ASP A N   1 
ATOM   328 C  CA  . ASP A 1 41 ? -12.25619 0.00234   -1.87176  1.000 26.42531 ? 42  ASP A CA  1 
ATOM   329 C  C   . ASP A 1 41 ? -11.93002 -0.98296  -2.98454  1.000 28.09760 ? 42  ASP A C   1 
ATOM   330 O  O   . ASP A 1 41 ? -11.48667 -2.10757  -2.70945  1.000 26.02392 ? 42  ASP A O   1 
ATOM   331 C  CB  . ASP A 1 41 ? -13.71507 -0.17043  -1.44182  1.000 30.84822 ? 42  ASP A CB  1 
ATOM   332 C  CG  . ASP A 1 41 ? -13.97239 0.28615   -0.00918  1.000 36.87287 ? 42  ASP A CG  1 
ATOM   333 O  OD1 . ASP A 1 41 ? -15.11843 0.65108   0.32721   1.000 41.37837 ? 42  ASP A OD1 1 
ATOM   334 O  OD2 . ASP A 1 41 ? -13.02818 0.26831   0.80056   1.000 40.18591 ? 42  ASP A OD2 1 
ATOM   335 N  N   . ASP A 1 42 ? -12.16314 -0.59461  -4.24026  1.000 26.56311 ? 43  ASP A N   1 
ATOM   336 C  CA  . ASP A 1 42 ? -11.87869 -1.49501  -5.35277  1.000 28.01903 ? 43  ASP A CA  1 
ATOM   337 C  C   . ASP A 1 42 ? -10.38116 -1.71736  -5.50437  1.000 27.27012 ? 43  ASP A C   1 
ATOM   338 O  O   . ASP A 1 42 ? -9.93090  -2.85239  -5.70390  1.000 25.88196 ? 43  ASP A O   1 
ATOM   339 C  CB  . ASP A 1 42 ? -12.46290 -0.94001  -6.65970  1.000 31.46296 ? 43  ASP A CB  1 
ATOM   340 C  CG  . ASP A 1 42 ? -13.98334 -1.09836  -6.75252  1.000 34.81098 ? 43  ASP A CG  1 
ATOM   341 O  OD1 . ASP A 1 42 ? -14.62466 -1.59752  -5.80070  1.000 36.21409 ? 43  ASP A OD1 1 
ATOM   342 O  OD2 . ASP A 1 42 ? -14.54296 -0.71318  -7.79460  1.000 40.32371 ? 43  ASP A OD2 1 
ATOM   343 N  N   . ILE A 1 43 ? -9.59370  -0.64691  -5.41368  1.000 25.78054 ? 44  ILE A N   1 
ATOM   344 C  CA  . ILE A 1 43 ? -8.14664  -0.79656  -5.52563  1.000 28.05105 ? 44  ILE A CA  1 
ATOM   345 C  C   . ILE A 1 43 ? -7.59233  -1.54578  -4.31972  1.000 24.84987 ? 44  ILE A C   1 
ATOM   346 O  O   . ILE A 1 43 ? -6.69410  -2.38626  -4.45443  1.000 24.52262 ? 44  ILE A O   1 
ATOM   347 C  CB  . ILE A 1 43 ? -7.48450  0.58292   -5.71097  1.000 28.52186 ? 44  ILE A CB  1 
ATOM   348 C  CG1 . ILE A 1 43 ? -8.02958  1.23861   -6.98802  1.000 29.93084 ? 44  ILE A CG1 1 
ATOM   349 C  CG2 . ILE A 1 43 ? -5.96002  0.45099   -5.79183  1.000 25.17512 ? 44  ILE A CG2 1 
ATOM   350 C  CD1 . ILE A 1 43 ? -7.35756  2.54031   -7.34300  1.000 30.21936 ? 44  ILE A CD1 1 
ATOM   351 N  N   . VAL A 1 44 ? -8.13759  -1.27893  -3.13081  1.000 23.35252 ? 45  VAL A N   1 
ATOM   352 C  CA  . VAL A 1 44 ? -7.67887  -1.97603  -1.93987  1.000 23.65147 ? 45  VAL A CA  1 
ATOM   353 C  C   . VAL A 1 44 ? -7.93992  -3.47315  -2.06446  1.000 24.69601 ? 45  VAL A C   1 
ATOM   354 O  O   . VAL A 1 44 ? -7.09262  -4.29093  -1.69452  1.000 23.85452 ? 45  VAL A O   1 
ATOM   355 C  CB  . VAL A 1 44 ? -8.32331  -1.36953  -0.67961  1.000 23.09921 ? 45  VAL A CB  1 
ATOM   356 C  CG1 . VAL A 1 44 ? -7.99603  -2.21300  0.52654   1.000 25.20441 ? 45  VAL A CG1 1 
ATOM   357 C  CG2 . VAL A 1 44 ? -7.79031  0.02937   -0.46429  1.000 23.15537 ? 45  VAL A CG2 1 
ATOM   358 N  N   . GLU A 1 45 ? -9.08717  -3.85954  -2.62698  1.000 23.47684 ? 46  GLU A N   1 
ATOM   359 C  CA  . GLU A 1 45 ? -9.35057  -5.28061  -2.85212  1.000 23.98388 ? 46  GLU A CA  1 
ATOM   360 C  C   . GLU A 1 45 ? -8.29649  -5.90894  -3.76681  1.000 26.28943 ? 46  GLU A C   1 
ATOM   361 O  O   . GLU A 1 45 ? -7.79607  -7.00709  -3.49113  1.000 25.60969 ? 46  GLU A O   1 
ATOM   362 C  CB  . GLU A 1 45 ? -10.74436 -5.48543  -3.44321  1.000 25.62936 ? 46  GLU A CB  1 
ATOM   363 C  CG  . GLU A 1 45 ? -11.02281 -6.95192  -3.71722  1.000 26.50327 ? 46  GLU A CG  1 
ATOM   364 C  CD  . GLU A 1 45 ? -12.23986 -7.21929  -4.58099  1.000 27.18435 ? 46  GLU A CD  1 
ATOM   365 O  OE1 . GLU A 1 45 ? -12.98709 -6.27680  -4.91977  1.000 30.55938 ? 46  GLU A OE1 1 
ATOM   366 O  OE2 . GLU A 1 45 ? -12.45959 -8.40504  -4.90364  1.000 29.34007 ? 46  GLU A OE2 1 
ATOM   367 N  N   . THR A 1 46 ? -7.95353  -5.23211  -4.86991  1.000 24.15947 ? 47  THR A N   1 
ATOM   368 C  CA  . THR A 1 46 ? -6.94221  -5.76728  -5.78048  1.000 26.15525 ? 47  THR A CA  1 
ATOM   369 C  C   . THR A 1 46 ? -5.58965  -5.90061  -5.08533  1.000 25.66891 ? 47  THR A C   1 
ATOM   370 O  O   . THR A 1 46 ? -4.90083  -6.91934  -5.23100  1.000 26.12774 ? 47  THR A O   1 
ATOM   371 C  CB  . THR A 1 46 ? -6.82877  -4.87910  -7.02150  1.000 26.47403 ? 47  THR A CB  1 
ATOM   372 O  OG1 . THR A 1 46 ? -8.11286  -4.75381  -7.63208  1.000 27.16014 ? 47  THR A OG1 1 
ATOM   373 C  CG2 . THR A 1 46 ? -5.87260  -5.48799  -8.02471  1.000 27.83140 ? 47  THR A CG2 1 
ATOM   374 N  N   . LEU A 1 47 ? -5.21324  -4.89256  -4.29984  1.000 24.99254 ? 48  LEU A N   1 
ATOM   375 C  CA  . LEU A 1 47 ? -3.98289  -4.95754  -3.52464  1.000 25.54104 ? 48  LEU A CA  1 
ATOM   376 C  C   . LEU A 1 47 ? -4.01270  -6.11233  -2.53081  1.000 27.37004 ? 48  LEU A C   1 
ATOM   377 O  O   . LEU A 1 47 ? -3.00943  -6.81780  -2.35994  1.000 29.36637 ? 48  LEU A O   1 
ATOM   378 C  CB  . LEU A 1 47 ? -3.76305  -3.62687  -2.79979  1.000 24.61066 ? 48  LEU A CB  1 
ATOM   379 C  CG  . LEU A 1 47 ? -3.43325  -2.44098  -3.69888  1.000 23.32838 ? 48  LEU A CG  1 
ATOM   380 C  CD1 . LEU A 1 47 ? -3.47749  -1.14305  -2.91962  1.000 23.36325 ? 48  LEU A CD1 1 
ATOM   381 C  CD2 . LEU A 1 47 ? -2.05742  -2.66593  -4.31396  1.000 25.19987 ? 48  LEU A CD2 1 
ATOM   382 N  N   . ASN A 1 48 ? -5.15551  -6.32729  -1.86659  1.000 26.16013 ? 49  ASN A N   1 
ATOM   383 C  CA  . ASN A 1 48 ? -5.23935  -7.34810  -0.81795  1.000 28.19772 ? 49  ASN A CA  1 
ATOM   384 C  C   . ASN A 1 48 ? -5.29282  -8.75506  -1.39319  1.000 28.60418 ? 49  ASN A C   1 
ATOM   385 O  O   . ASN A 1 48 ? -5.04254  -9.72423  -0.66403  1.000 31.16424 ? 49  ASN A O   1 
ATOM   386 C  CB  . ASN A 1 48 ? -6.47131  -7.13301  0.08124   1.000 27.68555 ? 49  ASN A CB  1 
ATOM   387 C  CG  . ASN A 1 48 ? -6.37217  -5.88380  0.97133   1.000 28.68579 ? 49  ASN A CG  1 
ATOM   388 O  OD1 . ASN A 1 48 ? -7.37900  -5.40914  1.48497   1.000 30.57476 ? 49  ASN A OD1 1 
ATOM   389 N  ND2 . ASN A 1 48 ? -5.17386  -5.36530  1.15889   1.000 30.48420 ? 49  ASN A ND2 1 
ATOM   390 N  N   . ALA A 1 49 ? -5.63302  -8.88899  -2.67147  1.000 28.09217 ? 50  ALA A N   1 
ATOM   391 C  CA  . ALA A 1 49 ? -5.58839  -10.17353 -3.35169  1.000 29.40323 ? 50  ALA A CA  1 
ATOM   392 C  C   . ALA A 1 49 ? -4.21495  -10.47556 -3.94432  1.000 30.46795 ? 50  ALA A C   1 
ATOM   393 O  O   . ALA A 1 49 ? -4.03100  -11.55036 -4.52131  1.000 29.91504 ? 50  ALA A O   1 
ATOM   394 C  CB  . ALA A 1 49 ? -6.65487  -10.22481 -4.45171  1.000 27.26003 ? 50  ALA A CB  1 
ATOM   395 N  N   . ASN A 1 50 ? -3.24017  -9.57928  -3.79573  1.000 28.57217 ? 51  ASN A N   1 
ATOM   396 C  CA  . ASN A 1 50 ? -1.97655  -9.75806  -4.49246  1.000 30.37949 ? 51  ASN A CA  1 
ATOM   397 C  C   . ASN A 1 50 ? -0.79621  -9.37758  -3.61482  1.000 32.27889 ? 51  ASN A C   1 
ATOM   398 O  O   . ASN A 1 50 ? 0.21082   -8.85090  -4.10338  1.000 34.20184 ? 51  ASN A O   1 
ATOM   399 C  CB  . ASN A 1 50 ? -1.94831  -8.95894  -5.79049  1.000 30.85178 ? 51  ASN A CB  1 
ATOM   400 C  CG  . ASN A 1 50 ? -2.88567  -9.52786  -6.84501  1.000 33.76838 ? 51  ASN A CG  1 
ATOM   401 O  OD1 . ASN A 1 50 ? -2.56624  -10.52032 -7.49931  1.000 34.20489 ? 51  ASN A OD1 1 
ATOM   402 N  ND2 . ASN A 1 50 ? -4.04777  -8.89166  -7.02055  1.000 32.31884 ? 51  ASN A ND2 1 
ATOM   403 N  N   . GLY A 1 51 ? -0.89197  -9.64453  -2.30948  1.000 32.36465 ? 52  GLY A N   1 
ATOM   404 C  CA  . GLY A 1 51 ? 0.25777   -9.55183  -1.42920  1.000 32.54319 ? 52  GLY A CA  1 
ATOM   405 C  C   . GLY A 1 51 ? 0.41847   -8.26656  -0.63830  1.000 34.49322 ? 52  GLY A C   1 
ATOM   406 O  O   . GLY A 1 51 ? 1.36450   -8.16488  0.15103   1.000 36.57940 ? 52  GLY A O   1 
ATOM   407 N  N   . PHE A 1 52 ? -0.44073  -7.27291  -0.82707  1.000 30.90725 ? 53  PHE A N   1 
ATOM   408 C  CA  . PHE A 1 52 ? -0.35324  -6.03345  -0.06188  1.000 32.85063 ? 53  PHE A CA  1 
ATOM   409 C  C   . PHE A 1 52 ? -1.44173  -6.08411  0.99554   1.000 36.04348 ? 53  PHE A C   1 
ATOM   410 O  O   . PHE A 1 52 ? -2.62665  -6.06858  0.65177   1.000 37.94880 ? 53  PHE A O   1 
ATOM   411 C  CB  . PHE A 1 52 ? -0.55596  -4.80189  -0.93797  1.000 30.12613 ? 53  PHE A CB  1 
ATOM   412 C  CG  . PHE A 1 52 ? 0.45960   -4.62855  -2.01798  1.000 29.79088 ? 53  PHE A CG  1 
ATOM   413 C  CD1 . PHE A 1 52 ? 0.38287   -5.36941  -3.19162  1.000 28.54801 ? 53  PHE A CD1 1 
ATOM   414 C  CD2 . PHE A 1 52 ? 1.45296   -3.66852  -1.89336  1.000 30.16821 ? 53  PHE A CD2 1 
ATOM   415 C  CE1 . PHE A 1 52 ? 1.30267   -5.18656  -4.20573  1.000 29.36615 ? 53  PHE A CE1 1 
ATOM   416 C  CE2 . PHE A 1 52 ? 2.38249   -3.47480  -2.90148  1.000 31.24673 ? 53  PHE A CE2 1 
ATOM   417 C  CZ  . PHE A 1 52 ? 2.30990   -4.23871  -4.06178  1.000 31.54471 ? 53  PHE A CZ  1 
ATOM   418 N  N   . ASP A 1 53 ? -1.06103  -6.11887  2.27521   1.000 36.31496 ? 54  ASP A N   1 
ATOM   419 C  CA  . ASP A 1 53 ? -2.05910  -6.23065  3.33558   1.000 37.86760 ? 54  ASP A CA  1 
ATOM   420 C  C   . ASP A 1 53 ? -2.60602  -4.87233  3.81434   1.000 36.67937 ? 54  ASP A C   1 
ATOM   421 O  O   . ASP A 1 53 ? -3.25427  -4.81180  4.85962   1.000 43.02767 ? 54  ASP A O   1 
ATOM   422 C  CB  . ASP A 1 53 ? -1.49317  -7.03658  4.50873   1.000 40.48521 ? 54  ASP A CB  1 
ATOM   423 C  CG  . ASP A 1 53 ? -0.49110  -6.26060  5.32346   1.000 47.71760 ? 54  ASP A CG  1 
ATOM   424 O  OD1 . ASP A 1 53 ? -0.08354  -5.16364  4.87411   1.000 51.75545 ? 54  ASP A OD1 1 
ATOM   425 O  OD2 . ASP A 1 53 ? -0.11641  -6.74231  6.42107   1.000 51.72159 ? 54  ASP A OD2 1 
ATOM   426 N  N   . VAL A 1 54 ? -2.38456  -3.80412  3.05239   1.000 35.86378 ? 55  VAL A N   1 
ATOM   427 C  CA  . VAL A 1 54 ? -2.86311  -2.46608  3.38320   1.000 34.19692 ? 55  VAL A CA  1 
ATOM   428 C  C   . VAL A 1 54 ? -4.37028  -2.45587  3.66619   1.000 33.38411 ? 55  VAL A C   1 
ATOM   429 O  O   . VAL A 1 54 ? -5.14739  -3.17708  3.03278   1.000 37.01156 ? 55  VAL A O   1 
ATOM   430 C  CB  . VAL A 1 54 ? -2.48478  -1.54096  2.20905   1.000 35.34060 ? 55  VAL A CB  1 
ATOM   431 C  CG1 . VAL A 1 54 ? -3.24916  -1.94764  0.93519   1.000 33.83924 ? 55  VAL A CG1 1 
ATOM   432 C  CG2 . VAL A 1 54 ? -2.73917  -0.08949  2.53572   1.000 35.75891 ? 55  VAL A CG2 1 
ATOM   433 N  N   . ASN A 1 55 ? -4.79330  -1.63085  4.62701   1.000 31.76984 ? 56  ASN A N   1 
ATOM   434 C  CA  . ASN A 1 55 ? -6.21556  -1.36258  4.81290   1.000 33.76702 ? 56  ASN A CA  1 
ATOM   435 C  C   . ASN A 1 55 ? -6.57684  -0.00615  4.19416   1.000 30.94021 ? 56  ASN A C   1 
ATOM   436 O  O   . ASN A 1 55 ? -5.72847  0.72586   3.68113   1.000 31.32896 ? 56  ASN A O   1 
ATOM   437 C  CB  . ASN A 1 55 ? -6.62640  -1.41898  6.29294   1.000 31.95480 ? 56  ASN A CB  1 
ATOM   438 C  CG  . ASN A 1 55 ? -5.80534  -0.49405  7.17866   1.000 32.34479 ? 56  ASN A CG  1 
ATOM   439 O  OD1 . ASN A 1 55 ? -5.65580  0.69820   6.91665   1.000 32.96468 ? 56  ASN A OD1 1 
ATOM   440 N  ND2 . ASN A 1 55 ? -5.28057  -1.04868  8.24671   1.000 40.23224 ? 56  ASN A ND2 1 
ATOM   441 N  N   . LEU A 1 56 ? -7.86555  0.32692   4.24964   1.000 29.43923 ? 57  LEU A N   1 
ATOM   442 C  CA  . LEU A 1 56 ? -8.35022  1.54980   3.61961   1.000 28.29196 ? 57  LEU A CA  1 
ATOM   443 C  C   . LEU A 1 56 ? -7.70199  2.78887   4.22098   1.000 28.82307 ? 57  LEU A C   1 
ATOM   444 O  O   . LEU A 1 56 ? -7.38754  3.74062   3.49875   1.000 28.00450 ? 57  LEU A O   1 
ATOM   445 C  CB  . LEU A 1 56 ? -9.87123  1.63090   3.74297   1.000 27.17093 ? 57  LEU A CB  1 
ATOM   446 C  CG  . LEU A 1 56 ? -10.53570 2.69488   2.89001   1.000 27.92356 ? 57  LEU A CG  1 
ATOM   447 C  CD1 . LEU A 1 56 ? -10.13337 2.58483   1.42869   1.000 25.49068 ? 57  LEU A CD1 1 
ATOM   448 C  CD2 . LEU A 1 56 ? -12.02359 2.58440   3.03518   1.000 31.02034 ? 57  LEU A CD2 1 
ATOM   449 N  N   . ASN A 1 57 ? -7.50782  2.80245   5.54350   1.000 30.47323 ? 58  ASN A N   1 
ATOM   450 C  CA  . ASN A 1 57 ? -6.85791  3.94224   6.18825   1.000 31.48386 ? 58  ASN A CA  1 
ATOM   451 C  C   . ASN A 1 57 ? -5.42493  4.10192   5.70890   1.000 29.95982 ? 58  ASN A C   1 
ATOM   452 O  O   . ASN A 1 57 ? -4.98388  5.21421   5.40363   1.000 30.02015 ? 58  ASN A O   1 
ATOM   453 C  CB  . ASN A 1 57 ? -6.87714  3.77639   7.70725   1.000 33.56196 ? 58  ASN A CB  1 
ATOM   454 C  CG  . ASN A 1 57 ? -8.01347  4.50659   8.34978   1.000 41.19152 ? 58  ASN A CG  1 
ATOM   455 O  OD1 . ASN A 1 57 ? -9.16326  4.38627   7.92517   1.000 43.63214 ? 58  ASN A OD1 1 
ATOM   456 N  ND2 . ASN A 1 57 ? -7.70582  5.28642   9.38065   1.000 49.99362 ? 58  ASN A ND2 1 
ATOM   457 N  N   . THR A 1 58 ? -4.68151  2.99812   5.63942   1.000 28.29848 ? 59  THR A N   1 
ATOM   458 C  CA  . THR A 1 58 ? -3.29095  3.07523   5.22386   1.000 28.43844 ? 59  THR A CA  1 
ATOM   459 C  C   . THR A 1 58 ? -3.18274  3.45240   3.76010   1.000 30.25685 ? 59  THR A C   1 
ATOM   460 O  O   . THR A 1 58 ? -2.34855  4.28450   3.38813   1.000 31.15560 ? 59  THR A O   1 
ATOM   461 C  CB  . THR A 1 58 ? -2.60343  1.74195   5.48783   1.000 32.19912 ? 59  THR A CB  1 
ATOM   462 O  OG1 . THR A 1 58 ? -2.76821  1.40045   6.86894   1.000 35.84362 ? 59  THR A OG1 1 
ATOM   463 C  CG2 . THR A 1 58 ? -1.11459  1.82126   5.15326   1.000 31.94495 ? 59  THR A CG2 1 
ATOM   464 N  N   . PHE A 1 59 ? -4.02754  2.85606   2.91734   1.000 28.84202 ? 60  PHE A N   1 
ATOM   465 C  CA  . PHE A 1 59 ? -4.06236  3.21310   1.50517   1.000 25.56975 ? 60  PHE A CA  1 
ATOM   466 C  C   . PHE A 1 59 ? -4.28273  4.71303   1.32527   1.000 26.94662 ? 60  PHE A C   1 
ATOM   467 O  O   . PHE A 1 59 ? -3.58316  5.36881   0.54440   1.000 27.18403 ? 60  PHE A O   1 
ATOM   468 C  CB  . PHE A 1 59 ? -5.16092  2.38530   0.82228   1.000 26.04429 ? 60  PHE A CB  1 
ATOM   469 C  CG  . PHE A 1 59 ? -5.48739  2.82158   -0.56907  1.000 26.03339 ? 60  PHE A CG  1 
ATOM   470 C  CD1 . PHE A 1 59 ? -4.79469  2.29732   -1.64902  1.000 25.61894 ? 60  PHE A CD1 1 
ATOM   471 C  CD2 . PHE A 1 59 ? -6.50188  3.75441   -0.80389  1.000 27.28911 ? 60  PHE A CD2 1 
ATOM   472 C  CE1 . PHE A 1 59 ? -5.09381  2.69635   -2.93597  1.000 26.80597 ? 60  PHE A CE1 1 
ATOM   473 C  CE2 . PHE A 1 59 ? -6.80064  4.16678   -2.08472  1.000 25.88213 ? 60  PHE A CE2 1 
ATOM   474 C  CZ  . PHE A 1 59 ? -6.09829  3.62797   -3.15496  1.000 28.38340 ? 60  PHE A CZ  1 
ATOM   475 N  N   . ARG A 1 60 ? -5.23407  5.28575   2.06343   1.000 27.75250 ? 61  ARG A N   1 
ATOM   476 C  CA  . ARG A 1 60 ? -5.51836  6.71021   1.90415   1.000 28.59717 ? 61  ARG A CA  1 
ATOM   477 C  C   . ARG A 1 60 ? -4.33724  7.56029   2.35527   1.000 27.89299 ? 61  ARG A C   1 
ATOM   478 O  O   . ARG A 1 60 ? -4.03275  8.57989   1.72737   1.000 27.51016 ? 61  ARG A O   1 
ATOM   479 C  CB  . ARG A 1 60 ? -6.79346  7.08352   2.66649   1.000 29.01146 ? 61  ARG A CB  1 
ATOM   480 C  CG  . ARG A 1 60 ? -8.05682  6.85827   1.85129   1.000 28.01063 ? 61  ARG A CG  1 
ATOM   481 C  CD  . ARG A 1 60 ? -9.29828  6.72854   2.70791   1.000 28.20272 ? 61  ARG A CD  1 
ATOM   482 N  NE  . ARG A 1 60 ? -10.47150 6.50924   1.86567   1.000 28.14964 ? 61  ARG A NE  1 
ATOM   483 C  CZ  . ARG A 1 60 ? -11.69071 6.24240   2.31983   1.000 28.05945 ? 61  ARG A CZ  1 
ATOM   484 N  NH1 . ARG A 1 60 ? -11.91301 6.16745   3.62918   1.000 28.56799 ? 61  ARG A NH1 1 
ATOM   485 N  NH2 . ARG A 1 60 ? -12.68607 6.05270   1.45594   1.000 26.06541 ? 61  ARG A NH2 1 
ATOM   486 N  N   . SER A 1 61 ? -3.64941  7.13732   3.42420   1.000 27.75842 ? 62  SER A N   1 
ATOM   487 C  CA  . SER A 1 61 ? -2.41984  7.80103   3.86626   1.000 29.98570 ? 62  SER A CA  1 
ATOM   488 C  C   . SER A 1 61 ? -1.40106  7.91903   2.74190   1.000 29.61059 ? 62  SER A C   1 
ATOM   489 O  O   . SER A 1 61 ? -0.84695  8.99785   2.49676   1.000 29.22951 ? 62  SER A O   1 
ATOM   490 C  CB  . SER A 1 61 ? -1.79051  7.03679   5.02999   1.000 28.76079 ? 62  SER A CB  1 
ATOM   491 O  OG  . SER A 1 61 ? -2.56340  7.20038   6.19311   1.000 39.86436 ? 62  SER A OG  1 
ATOM   492 N  N   . TYR A 1 62 ? -1.09718  6.79527   2.08816   1.000 29.64419 ? 63  TYR A N   1 
ATOM   493 C  CA  . TYR A 1 62 ? -0.16771  6.82240   0.96742   1.000 31.49518 ? 63  TYR A CA  1 
ATOM   494 C  C   . TYR A 1 62 ? -0.66735  7.76415   -0.11016  1.000 29.86654 ? 63  TYR A C   1 
ATOM   495 O  O   . TYR A 1 62 ? 0.11110   8.53233   -0.68463  1.000 31.98560 ? 63  TYR A O   1 
ATOM   496 C  CB  . TYR A 1 62 ? 0.00816   5.42100   0.38411   1.000 31.38925 ? 63  TYR A CB  1 
ATOM   497 C  CG  . TYR A 1 62 ? 0.92842   4.48839   1.12387   1.000 32.17125 ? 63  TYR A CG  1 
ATOM   498 C  CD1 . TYR A 1 62 ? 2.13247   4.09642   0.56460   1.000 37.75822 ? 63  TYR A CD1 1 
ATOM   499 C  CD2 . TYR A 1 62 ? 0.57285   3.94500   2.34782   1.000 35.06872 ? 63  TYR A CD2 1 
ATOM   500 C  CE1 . TYR A 1 62 ? 2.98352   3.20728   1.22659   1.000 41.49770 ? 63  TYR A CE1 1 
ATOM   501 C  CE2 . TYR A 1 62 ? 1.41710   3.04962   3.02264   1.000 36.50819 ? 63  TYR A CE2 1 
ATOM   502 C  CZ  . TYR A 1 62 ? 2.62028   2.68559   2.45357   1.000 38.93745 ? 63  TYR A CZ  1 
ATOM   503 O  OH  . TYR A 1 62 ? 3.47370   1.81409   3.09915   1.000 38.98534 ? 63  TYR A OH  1 
ATOM   504 N  N   . LEU A 1 63 ? -1.96943  7.71355   -0.39549  1.000 27.58884 ? 64  LEU A N   1 
ATOM   505 C  CA  . LEU A 1 63 ? -2.53593  8.55481   -1.43741  1.000 29.91965 ? 64  LEU A CA  1 
ATOM   506 C  C   . LEU A 1 63 ? -2.42635  10.02615  -1.06537  1.000 29.79505 ? 64  LEU A C   1 
ATOM   507 O  O   . LEU A 1 63 ? -2.04789  10.86376  -1.89451  1.000 28.61453 ? 64  LEU A O   1 
ATOM   508 C  CB  . LEU A 1 63 ? -3.99204  8.16099   -1.67859  1.000 30.63800 ? 64  LEU A CB  1 
ATOM   509 C  CG  . LEU A 1 63 ? -4.72891  8.89867   -2.79247  1.000 28.73427 ? 64  LEU A CG  1 
ATOM   510 C  CD1 . LEU A 1 63 ? -4.04511  8.64223   -4.12956  1.000 29.62652 ? 64  LEU A CD1 1 
ATOM   511 C  CD2 . LEU A 1 63 ? -6.19727  8.48613   -2.83348  1.000 26.18804 ? 64  LEU A CD2 1 
ATOM   512 N  N   . TYR A 1 64 ? -2.75937  10.35886  0.18412   1.000 31.08472 ? 65  TYR A N   1 
ATOM   513 C  CA  . TYR A 1 64 ? -2.64547  11.74140  0.63696   1.000 30.74974 ? 65  TYR A CA  1 
ATOM   514 C  C   . TYR A 1 64 ? -1.19878  12.22404  0.57463   1.000 31.91913 ? 65  TYR A C   1 
ATOM   515 O  O   . TYR A 1 64 ? -0.93080  13.33699  0.10639   1.000 32.23413 ? 65  TYR A O   1 
ATOM   516 C  CB  . TYR A 1 64 ? -3.19436  11.88523  2.05298   1.000 27.40601 ? 65  TYR A CB  1 
ATOM   517 C  CG  . TYR A 1 64 ? -4.67146  11.57688  2.22495   1.000 31.56496 ? 65  TYR A CG  1 
ATOM   518 C  CD1 . TYR A 1 64 ? -5.55773  11.56949  1.14153   1.000 33.00503 ? 65  TYR A CD1 1 
ATOM   519 C  CD2 . TYR A 1 64 ? -5.18476  11.29221  3.48934   1.000 32.50877 ? 65  TYR A CD2 1 
ATOM   520 C  CE1 . TYR A 1 64 ? -6.91877  11.28162  1.32925   1.000 33.45510 ? 65  TYR A CE1 1 
ATOM   521 C  CE2 . TYR A 1 64 ? -6.52774  11.00482  3.68521   1.000 33.16046 ? 65  TYR A CE2 1 
ATOM   522 C  CZ  . TYR A 1 64 ? -7.39030  11.00122  2.61547   1.000 34.40057 ? 65  TYR A CZ  1 
ATOM   523 O  OH  . TYR A 1 64 ? -8.71684  10.70220  2.86447   1.000 34.03699 ? 65  TYR A OH  1 
ATOM   524 N  N   . ARG A 1 65 ? -0.25102  11.39263  1.02491   1.000 31.82563 ? 66  ARG A N   1 
ATOM   525 C  CA  . ARG A 1 65 ? 1.15961   11.77209  0.97358   1.000 34.58608 ? 66  ARG A CA  1 
ATOM   526 C  C   . ARG A 1 65 ? 1.63103   11.98325  -0.45733  1.000 36.33767 ? 66  ARG A C   1 
ATOM   527 O  O   . ARG A 1 65 ? 2.32796   12.96267  -0.75258  1.000 38.59273 ? 66  ARG A O   1 
ATOM   528 C  CB  . ARG A 1 65 ? 2.03065   10.72220  1.64892   1.000 35.54469 ? 66  ARG A CB  1 
ATOM   529 C  CG  . ARG A 1 65 ? 3.49053   11.16375  1.70630   1.000 43.97731 ? 66  ARG A CG  1 
ATOM   530 C  CD  . ARG A 1 65 ? 4.33327   10.25745  2.60656   1.000 51.78445 ? 66  ARG A CD  1 
ATOM   531 N  NE  . ARG A 1 65 ? 4.02925   8.85570   2.34378   1.000 50.95795 ? 66  ARG A NE  1 
ATOM   532 C  CZ  . ARG A 1 65 ? 4.63509   8.12429   1.41282   1.000 53.35126 ? 66  ARG A CZ  1 
ATOM   533 N  NH1 . ARG A 1 65 ? 5.60623   8.66108   0.66167   1.000 51.21422 ? 66  ARG A NH1 1 
ATOM   534 N  NH2 . ARG A 1 65 ? 4.26634   6.85492   1.24032   1.000 47.09456 ? 66  ARG A NH2 1 
ATOM   535 N  N   . TYR A 1 66 ? 1.28070   11.06420  -1.36141  1.000 33.30620 ? 67  TYR A N   1 
ATOM   536 C  CA  . TYR A 1 66 ? 1.60528   11.27149  -2.76654  1.000 34.70497 ? 67  TYR A CA  1 
ATOM   537 C  C   . TYR A 1 66 ? 1.09076   12.62769  -3.24256  1.000 37.11387 ? 67  TYR A C   1 
ATOM   538 O  O   . TYR A 1 66 ? 1.81931   13.39456  -3.88494  1.000 36.17441 ? 67  TYR A O   1 
ATOM   539 C  CB  . TYR A 1 66 ? 1.01890   10.15312  -3.63139  1.000 32.09791 ? 67  TYR A CB  1 
ATOM   540 C  CG  . TYR A 1 66 ? 1.04381   10.55170  -5.08202  1.000 35.87285 ? 67  TYR A CG  1 
ATOM   541 C  CD1 . TYR A 1 66 ? 2.25639   10.65119  -5.77184  1.000 34.02021 ? 67  TYR A CD1 1 
ATOM   542 C  CD2 . TYR A 1 66 ? -0.13342  10.90500  -5.75442  1.000 35.31250 ? 67  TYR A CD2 1 
ATOM   543 C  CE1 . TYR A 1 66 ? 2.29009   11.04626  -7.10190  1.000 34.00058 ? 67  TYR A CE1 1 
ATOM   544 C  CE2 . TYR A 1 66 ? -0.10410  11.30917  -7.08677  1.000 34.16389 ? 67  TYR A CE2 1 
ATOM   545 C  CZ  . TYR A 1 66 ? 1.11070   11.37626  -7.74873  1.000 34.16827 ? 67  TYR A CZ  1 
ATOM   546 O  OH  . TYR A 1 66 ? 1.14442   11.76731  -9.06234  1.000 38.69107 ? 67  TYR A OH  1 
ATOM   547 N  N   . ARG A 1 67 ? -0.16381  12.94808  -2.89874  1.000 34.71614 ? 68  ARG A N   1 
ATOM   548 C  CA  . ARG A 1 67 ? -0.78779  14.18093  -3.36860  1.000 33.96867 ? 68  ARG A CA  1 
ATOM   549 C  C   . ARG A 1 67 ? -0.09066  15.42502  -2.82034  1.000 36.73393 ? 68  ARG A C   1 
ATOM   550 O  O   . ARG A 1 67 ? 0.10711   16.39852  -3.55451  1.000 39.75365 ? 68  ARG A O   1 
ATOM   551 C  CB  . ARG A 1 67 ? -2.26810  14.18750  -2.99154  1.000 30.92431 ? 68  ARG A CB  1 
ATOM   552 C  CG  . ARG A 1 67 ? -3.12544  13.29942  -3.85844  1.000 29.49344 ? 68  ARG A CG  1 
ATOM   553 C  CD  . ARG A 1 67 ? -4.55243  13.27571  -3.35272  1.000 31.54541 ? 68  ARG A CD  1 
ATOM   554 N  NE  . ARG A 1 67 ? -5.40118  12.50685  -4.24839  1.000 32.14176 ? 68  ARG A NE  1 
ATOM   555 C  CZ  . ARG A 1 67 ? -6.58659  12.01375  -3.91532  1.000 31.32128 ? 68  ARG A CZ  1 
ATOM   556 N  NH1 . ARG A 1 67 ? -7.07423  12.21802  -2.69660  1.000 31.17577 ? 68  ARG A NH1 1 
ATOM   557 N  NH2 . ARG A 1 67 ? -7.27434  11.30682  -4.80355  1.000 31.73035 ? 68  ARG A NH2 1 
ATOM   558 N  N   . LYS A 1 68 ? 0.26766   15.42966  -1.53322  1.000 36.19255 ? 69  LYS A N   1 
ATOM   559 C  CA  . LYS A 1 68 ? 1.00604   16.56592  -0.98705  1.000 40.24099 ? 69  LYS A CA  1 
ATOM   560 C  C   . LYS A 1 68 ? 2.32653   16.75331  -1.71909  1.000 41.79371 ? 69  LYS A C   1 
ATOM   561 O  O   . LYS A 1 68 ? 2.63130   17.84421  -2.20780  1.000 45.63201 ? 69  LYS A O   1 
ATOM   562 C  CB  . LYS A 1 68 ? 1.26174   16.38035  0.50753   1.000 42.27564 ? 69  LYS A CB  1 
ATOM   563 C  CG  . LYS A 1 68 ? 0.02300   16.33030  1.37576   1.000 47.07307 ? 69  LYS A CG  1 
ATOM   564 C  CD  . LYS A 1 68 ? 0.40198   16.39012  2.86153   1.000 53.36718 ? 69  LYS A CD  1 
ATOM   565 C  CE  . LYS A 1 68 ? -0.70030  17.00821  3.74226   1.000 57.95057 ? 69  LYS A CE  1 
ATOM   566 N  NZ  . LYS A 1 68 ? -1.58904  17.96707  3.01968   1.000 57.95516 ? 69  LYS A NZ  1 
ATOM   567 N  N   . LYS A 1 69 ? 3.12008   15.69059  -1.81850  1.000 41.06227 ? 70  LYS A N   1 
ATOM   568 C  CA  . LYS A 1 69 ? 4.40259   15.79705  -2.50558  1.000 44.31044 ? 70  LYS A CA  1 
ATOM   569 C  C   . LYS A 1 69 ? 4.21860   16.20450  -3.97057  1.000 45.04397 ? 70  LYS A C   1 
ATOM   570 O  O   . LYS A 1 69 ? 5.02708   16.96754  -4.51669  1.000 47.37250 ? 70  LYS A O   1 
ATOM   571 C  CB  . LYS A 1 69 ? 5.16527   14.47404  -2.36239  1.000 42.83685 ? 70  LYS A CB  1 
ATOM   572 C  CG  . LYS A 1 69 ? 5.88443   13.98849  -3.60124  1.000 50.84746 ? 70  LYS A CG  1 
ATOM   573 C  CD  . LYS A 1 69 ? 5.33276   12.64395  -4.07846  1.000 52.46558 ? 70  LYS A CD  1 
ATOM   574 C  CE  . LYS A 1 69 ? 6.25518   11.48152  -3.70850  1.000 57.92572 ? 70  LYS A CE  1 
ATOM   575 N  NZ  . LYS A 1 69 ? 7.70062   11.86856  -3.66242  1.000 61.64933 ? 70  LYS A NZ  1 
ATOM   576 N  N   . ALA A 1 70 ? 3.13236   15.75000  -4.60734  1.000 44.01698 ? 71  ALA A N   1 
ATOM   577 C  CA  . ALA A 1 70 ? 2.88599   16.09208  -6.00696  1.000 43.86564 ? 71  ALA A CA  1 
ATOM   578 C  C   . ALA A 1 70 ? 2.55607   17.57119  -6.16996  1.000 49.63301 ? 71  ALA A C   1 
ATOM   579 O  O   . ALA A 1 70 ? 3.08978   18.24028  -7.06315  1.000 54.21849 ? 71  ALA A O   1 
ATOM   580 C  CB  . ALA A 1 70 ? 1.75865   15.23278  -6.57757  1.000 40.38478 ? 71  ALA A CB  1 
ATOM   581 N  N   . ARG A 1 71 ? 1.67208   18.10378  -5.32257  1.000 47.69483 ? 72  ARG A N   1 
ATOM   582 C  CA  . ARG A 1 71 ? 1.33803   19.52134  -5.41637  1.000 49.53574 ? 72  ARG A CA  1 
ATOM   583 C  C   . ARG A 1 71 ? 2.55885   20.40835  -5.15736  1.000 52.70777 ? 72  ARG A C   1 
ATOM   584 O  O   . ARG A 1 71 ? 2.57403   21.55924  -5.60414  1.000 56.45933 ? 72  ARG A O   1 
ATOM   585 C  CB  . ARG A 1 71 ? 0.17186   19.84264  -4.45628  1.000 52.46950 ? 72  ARG A CB  1 
ATOM   586 C  CG  . ARG A 1 71 ? -0.10001  21.32987  -4.16054  1.000 55.68375 ? 72  ARG A CG  1 
ATOM   587 C  CD  . ARG A 1 71 ? -0.03510  21.59691  -2.65180  1.000 58.07320 ? 72  ARG A CD  1 
ATOM   588 N  NE  . ARG A 1 71 ? 1.19749   21.04862  -2.06689  1.000 60.33578 ? 72  ARG A NE  1 
ATOM   589 C  CZ  . ARG A 1 71 ? 1.29391   20.50534  -0.84910  1.000 56.65282 ? 72  ARG A CZ  1 
ATOM   590 N  NH1 . ARG A 1 71 ? 0.22750   20.43059  -0.05917  1.000 59.45560 ? 72  ARG A NH1 1 
ATOM   591 N  NH2 . ARG A 1 71 ? 2.45905   20.03009  -0.41560  1.000 51.14678 ? 72  ARG A NH2 1 
ATOM   592 N  N   . ALA A 1 72 ? 3.60244   19.88499  -4.50498  1.000 51.56155 ? 73  ALA A N   1 
ATOM   593 C  CA  . ALA A 1 72 ? 4.80309   20.66527  -4.17926  1.000 49.10849 ? 73  ALA A CA  1 
ATOM   594 C  C   . ALA A 1 72 ? 5.91061   20.49732  -5.21615  1.000 47.22237 ? 73  ALA A C   1 
ATOM   595 O  O   . ALA A 1 72 ? 5.64270   20.32507  -6.40262  1.000 49.89985 ? 73  ALA A O   1 
ATOM   596 C  CB  . ALA A 1 72 ? 5.31912   20.28057  -2.79782  1.000 44.38337 ? 73  ALA A CB  1 
HETATM 597 O  O   . HOH B 2 .  ? 9.45698   4.20548   -0.57923  1.000 47.26189 ? 101 HOH A O   1 
HETATM 598 O  O   . HOH B 2 .  ? -2.52857  -1.16168  6.84747   1.000 43.77973 ? 102 HOH A O   1 
HETATM 599 O  O   . HOH B 2 .  ? -10.39685 10.35451  0.92728   1.000 30.37894 ? 103 HOH A O   1 
HETATM 600 O  O   . HOH B 2 .  ? -9.50721  10.17740  -4.00326  1.000 31.11920 ? 104 HOH A O   1 
HETATM 601 O  O   . HOH B 2 .  ? -9.88095  -5.65415  0.71903   1.000 30.43209 ? 105 HOH A O   1 
HETATM 602 O  O   . HOH B 2 .  ? -3.00721  -11.47896 -0.85714  1.000 43.89584 ? 106 HOH A O   1 
HETATM 603 O  O   . HOH B 2 .  ? -10.49296 -10.06704 -4.10299  1.000 36.90373 ? 107 HOH A O   1 
HETATM 604 O  O   . HOH B 2 .  ? 2.80612   7.52197   -0.93184  1.000 43.31922 ? 108 HOH A O   1 
HETATM 605 O  O   . HOH B 2 .  ? 13.59162  -8.67190  6.64655   1.000 43.21251 ? 109 HOH A O   1 
HETATM 606 O  O   . HOH B 2 .  ? -8.72770  -9.10843  -1.84601  1.000 28.96230 ? 110 HOH A O   1 
HETATM 607 O  O   . HOH B 2 .  ? 14.73654  -20.49222 18.97988  1.000 48.31186 ? 111 HOH A O   1 
HETATM 608 O  O   . HOH B 2 .  ? 5.20289   -0.48724  -8.70954  1.000 57.62143 ? 112 HOH A O   1 
# 
